data_4Y86
#
_entry.id   4Y86
#
_cell.length_a   104.135
_cell.length_b   104.135
_cell.length_c   269.536
_cell.angle_alpha   90.00
_cell.angle_beta   90.00
_cell.angle_gamma   90.00
#
_symmetry.space_group_name_H-M   'P 41 21 2'
#
loop_
_entity.id
_entity.type
_entity.pdbx_description
1 polymer "High affinity cGMP-specific 3',5'-cyclic phosphodiesterase 9A"
2 non-polymer 6-{[(1S)-1-(4-chlorophenyl)ethyl]amino}-1-cyclopentyl-1,5-dihydro-4H-pyrazolo[3,4-d]pyrimidin-4-one
3 non-polymer 'ZINC ION'
4 non-polymer 'MAGNESIUM ION'
5 non-polymer 6-{[(1R)-1-(4-chlorophenyl)ethyl]amino}-1-cyclopentyl-1,5-dihydro-4H-pyrazolo[3,4-d]pyrimidin-4-one
6 water water
#
_entity_poly.entity_id   1
_entity_poly.type   'polypeptide(L)'
_entity_poly.pdbx_seq_one_letter_code
;MGSGSSSYRPKAIYLDIDGRIQKVIFSKYCNSSDIMDLFCIATGLPRNTTISLLTTDDAMVSIDPTMPANSERTPYKVRP
VAIKQLSEREELIQSVLAQVAEQFSRAFKINELKAEVANHLAVLEKRVELEGLKVVEIEKCKSDIKKMREELAARSSRTN
CPCKYSFLDNHKKLTPRRDVPTYPKYLLSPETIEALRKPTFDVWLWEPNEMLSCLEHMYHDLGLVRDFSINPVTLRRWLF
CVHDNYRNNPFHNFRHCFCVAQMMYSMVWLCSLQEKFSQTDILILMTAAICHDLDHPGYNNTYQINARTELAVRYNDISP
LENHHCAVAFQILAEPECNIFSNIPPDGFKQIRQGMITLILATDMARHAEIMDSFKEKMENFDYSNEEHMTLLKMILIKC
CDISNEVRPMEVAEPWVDCLLEEYFMQSDREKSEGLPVAPFMDRDKVTKATAQIGFIKFVLIPMFETVTKLFPMVEEIML
QPLWESRDRYEELKRIDDAMKELQKKTDSLTSGATEKSRERSRDVKNSEGDCA
;
_entity_poly.pdbx_strand_id   A,B
#
loop_
_chem_comp.id
_chem_comp.type
_chem_comp.name
_chem_comp.formula
49D non-polymer 6-{[(1S)-1-(4-chlorophenyl)ethyl]amino}-1-cyclopentyl-1,5-dihydro-4H-pyrazolo[3,4-d]pyrimidin-4-one 'C18 H20 Cl N5 O'
49E non-polymer 6-{[(1R)-1-(4-chlorophenyl)ethyl]amino}-1-cyclopentyl-1,5-dihydro-4H-pyrazolo[3,4-d]pyrimidin-4-one 'C18 H20 Cl N5 O'
MG non-polymer 'MAGNESIUM ION' 'Mg 2'
ZN non-polymer 'ZINC ION' 'Zn 2'
#
# COMPACT_ATOMS: atom_id res chain seq x y z
N LYS A 185 -42.89 -6.45 8.53
CA LYS A 185 -41.60 -6.96 7.98
C LYS A 185 -40.42 -6.27 8.63
N TYR A 186 -40.47 -4.94 8.64
CA TYR A 186 -39.40 -4.10 9.19
C TYR A 186 -38.98 -4.51 10.61
N LEU A 187 -39.95 -4.97 11.40
CA LEU A 187 -39.69 -5.43 12.77
C LEU A 187 -39.33 -6.91 12.79
N LEU A 188 -38.18 -7.21 13.35
CA LEU A 188 -37.70 -8.58 13.42
C LEU A 188 -38.46 -9.33 14.53
N SER A 189 -38.89 -10.55 14.22
CA SER A 189 -39.56 -11.38 15.22
C SER A 189 -38.51 -11.94 16.17
N PRO A 190 -38.96 -12.46 17.32
CA PRO A 190 -38.00 -13.10 18.26
C PRO A 190 -37.35 -14.36 17.68
N GLU A 191 -38.08 -15.07 16.82
CA GLU A 191 -37.56 -16.26 16.14
C GLU A 191 -36.34 -15.87 15.29
N THR A 192 -36.49 -14.79 14.53
CA THR A 192 -35.43 -14.28 13.68
C THR A 192 -34.22 -13.86 14.49
N ILE A 193 -34.46 -12.99 15.47
CA ILE A 193 -33.41 -12.52 16.37
C ILE A 193 -32.62 -13.69 16.92
N GLU A 194 -33.33 -14.75 17.28
CA GLU A 194 -32.70 -15.96 17.81
C GLU A 194 -31.92 -16.70 16.73
N ALA A 195 -32.53 -16.88 15.56
CA ALA A 195 -31.89 -17.60 14.46
C ALA A 195 -30.61 -16.89 13.95
N LEU A 196 -30.60 -15.56 14.08
CA LEU A 196 -29.48 -14.71 13.68
C LEU A 196 -28.12 -15.06 14.32
N ARG A 197 -28.14 -15.81 15.42
CA ARG A 197 -26.91 -16.14 16.15
C ARG A 197 -26.24 -17.39 15.61
N LYS A 198 -26.85 -18.03 14.62
CA LYS A 198 -26.38 -19.31 14.13
C LYS A 198 -26.06 -19.30 12.64
N PRO A 199 -25.06 -20.11 12.24
CA PRO A 199 -24.62 -20.15 10.84
C PRO A 199 -25.62 -20.80 9.91
N THR A 200 -26.70 -21.35 10.47
CA THR A 200 -27.83 -21.86 9.70
C THR A 200 -28.81 -20.78 9.24
N PHE A 201 -28.66 -19.55 9.72
CA PHE A 201 -29.56 -18.46 9.34
C PHE A 201 -29.74 -18.38 7.81
N ASP A 202 -30.99 -18.31 7.36
CA ASP A 202 -31.28 -18.26 5.93
C ASP A 202 -31.17 -16.82 5.45
N VAL A 203 -30.00 -16.51 4.89
CA VAL A 203 -29.68 -15.16 4.42
C VAL A 203 -30.51 -14.68 3.23
N TRP A 204 -31.14 -15.61 2.51
CA TRP A 204 -31.94 -15.28 1.33
C TRP A 204 -33.35 -14.81 1.60
N LEU A 205 -33.85 -15.00 2.82
CA LEU A 205 -35.24 -14.66 3.11
C LEU A 205 -35.49 -13.18 3.07
N TRP A 206 -34.46 -12.38 3.35
CA TRP A 206 -34.67 -11.01 3.81
C TRP A 206 -34.34 -9.98 2.77
N GLU A 207 -35.04 -8.86 2.85
CA GLU A 207 -34.79 -7.73 1.98
C GLU A 207 -33.85 -6.75 2.69
N PRO A 208 -33.27 -5.80 1.93
CA PRO A 208 -32.30 -4.87 2.50
C PRO A 208 -32.67 -4.31 3.88
N ASN A 209 -33.87 -3.76 4.02
CA ASN A 209 -34.26 -3.12 5.28
C ASN A 209 -34.24 -4.06 6.48
N GLU A 210 -34.59 -5.31 6.27
CA GLU A 210 -34.58 -6.28 7.35
C GLU A 210 -33.15 -6.72 7.68
N MET A 211 -32.33 -6.82 6.63
CA MET A 211 -30.90 -7.08 6.82
C MET A 211 -30.26 -5.93 7.60
N LEU A 212 -30.62 -4.70 7.27
CA LEU A 212 -30.14 -3.55 8.01
C LEU A 212 -30.55 -3.64 9.48
N SER A 213 -31.80 -4.01 9.73
CA SER A 213 -32.29 -4.20 11.08
C SER A 213 -31.49 -5.28 11.80
N CYS A 214 -31.22 -6.38 11.12
CA CYS A 214 -30.42 -7.46 11.72
C CYS A 214 -29.04 -6.97 12.16
N LEU A 215 -28.42 -6.12 11.33
CA LEU A 215 -27.08 -5.64 11.62
C LEU A 215 -27.07 -4.68 12.79
N GLU A 216 -28.06 -3.80 12.81
CA GLU A 216 -28.29 -2.91 13.94
C GLU A 216 -28.43 -3.69 15.25
N HIS A 217 -29.24 -4.75 15.21
CA HIS A 217 -29.44 -5.58 16.39
C HIS A 217 -28.12 -6.12 16.92
N MET A 218 -27.28 -6.60 15.99
CA MET A 218 -25.98 -7.15 16.35
C MET A 218 -25.14 -6.16 17.17
N TYR A 219 -25.19 -4.87 16.80
CA TYR A 219 -24.38 -3.86 17.49
C TYR A 219 -24.90 -3.62 18.90
N HIS A 220 -26.22 -3.56 19.04
CA HIS A 220 -26.84 -3.48 20.35
C HIS A 220 -26.54 -4.74 21.17
N ASP A 221 -26.83 -5.90 20.58
CA ASP A 221 -26.71 -7.16 21.29
C ASP A 221 -25.30 -7.47 21.77
N LEU A 222 -24.29 -7.07 21.00
CA LEU A 222 -22.89 -7.33 21.37
C LEU A 222 -22.34 -6.37 22.43
N GLY A 223 -23.11 -5.33 22.76
CA GLY A 223 -22.70 -4.36 23.77
C GLY A 223 -21.90 -3.20 23.22
N LEU A 224 -21.81 -3.14 21.89
CA LEU A 224 -20.99 -2.15 21.20
C LEU A 224 -21.61 -0.75 21.27
N VAL A 225 -22.93 -0.67 21.14
CA VAL A 225 -23.62 0.63 21.29
C VAL A 225 -23.41 1.15 22.70
N ARG A 226 -23.50 0.24 23.67
CA ARG A 226 -23.36 0.60 25.07
C ARG A 226 -21.94 1.07 25.33
N ASP A 227 -20.97 0.20 25.06
CA ASP A 227 -19.58 0.45 25.44
C ASP A 227 -18.84 1.51 24.60
N PHE A 228 -19.38 1.89 23.46
CA PHE A 228 -18.74 2.95 22.65
C PHE A 228 -19.65 4.15 22.47
N SER A 229 -20.69 4.22 23.30
CA SER A 229 -21.67 5.32 23.27
C SER A 229 -22.07 5.66 21.84
N ILE A 230 -22.33 4.63 21.06
CA ILE A 230 -22.74 4.85 19.68
C ILE A 230 -24.13 5.44 19.72
N ASN A 231 -24.33 6.57 19.04
CA ASN A 231 -25.64 7.16 18.95
C ASN A 231 -26.56 6.23 18.14
N PRO A 232 -27.67 5.79 18.74
CA PRO A 232 -28.54 4.80 18.09
C PRO A 232 -29.07 5.18 16.71
N VAL A 233 -29.32 6.47 16.48
CA VAL A 233 -29.80 6.90 15.16
C VAL A 233 -28.64 6.96 14.14
N THR A 234 -27.48 7.45 14.58
CA THR A 234 -26.27 7.43 13.76
C THR A 234 -25.94 6.01 13.26
N LEU A 235 -26.08 5.03 14.14
CA LEU A 235 -25.89 3.62 13.76
C LEU A 235 -26.74 3.20 12.57
N ARG A 236 -27.99 3.66 12.54
CA ARG A 236 -28.90 3.29 11.46
C ARG A 236 -28.60 4.06 10.18
N ARG A 237 -28.27 5.35 10.30
CA ARG A 237 -27.84 6.12 9.14
C ARG A 237 -26.56 5.52 8.54
N TRP A 238 -25.61 5.20 9.41
CA TRP A 238 -24.36 4.60 8.99
C TRP A 238 -24.61 3.34 8.17
N LEU A 239 -25.45 2.45 8.69
CA LEU A 239 -25.79 1.22 7.97
C LEU A 239 -26.47 1.49 6.62
N PHE A 240 -27.32 2.51 6.60
CA PHE A 240 -27.99 2.89 5.36
C PHE A 240 -26.97 3.38 4.35
N CYS A 241 -26.04 4.21 4.82
CA CYS A 241 -25.00 4.73 3.95
C CYS A 241 -24.11 3.61 3.44
N VAL A 242 -23.71 2.73 4.35
CA VAL A 242 -22.94 1.56 3.96
C VAL A 242 -23.67 0.84 2.82
N HIS A 243 -24.94 0.53 3.04
CA HIS A 243 -25.76 -0.16 2.03
C HIS A 243 -25.73 0.56 0.69
N ASP A 244 -25.91 1.87 0.74
CA ASP A 244 -25.89 2.71 -0.45
C ASP A 244 -24.58 2.58 -1.24
N ASN A 245 -23.47 2.31 -0.55
CA ASN A 245 -22.16 2.20 -1.19
C ASN A 245 -21.73 0.79 -1.58
N TYR A 246 -22.63 -0.18 -1.44
CA TYR A 246 -22.43 -1.48 -2.08
C TYR A 246 -23.10 -1.43 -3.46
N ARG A 247 -22.51 -2.12 -4.43
CA ARG A 247 -23.05 -2.13 -5.78
C ARG A 247 -23.85 -3.39 -6.06
N ASN A 248 -24.64 -3.38 -7.12
CA ASN A 248 -25.45 -4.53 -7.51
C ASN A 248 -24.70 -5.50 -8.37
N ASN A 249 -23.64 -6.09 -7.84
CA ASN A 249 -22.93 -7.15 -8.54
C ASN A 249 -23.67 -8.45 -8.26
N PRO A 250 -23.46 -9.48 -9.07
CA PRO A 250 -24.13 -10.72 -8.75
C PRO A 250 -23.70 -11.30 -7.40
N PHE A 251 -22.42 -11.14 -7.03
CA PHE A 251 -21.87 -11.75 -5.83
C PHE A 251 -21.42 -10.72 -4.80
N HIS A 252 -20.53 -9.82 -5.21
CA HIS A 252 -20.00 -8.80 -4.30
C HIS A 252 -20.97 -7.65 -4.11
N ASN A 253 -22.00 -7.92 -3.32
CA ASN A 253 -23.10 -7.00 -3.09
C ASN A 253 -23.41 -6.89 -1.61
N PHE A 254 -24.43 -6.11 -1.27
CA PHE A 254 -24.78 -5.88 0.13
C PHE A 254 -25.15 -7.15 0.90
N ARG A 255 -25.82 -8.10 0.24
CA ARG A 255 -26.16 -9.36 0.89
C ARG A 255 -24.92 -10.19 1.23
N HIS A 256 -23.87 -10.08 0.42
CA HIS A 256 -22.59 -10.75 0.75
C HIS A 256 -22.01 -10.12 2.00
N CYS A 257 -22.03 -8.80 2.04
CA CYS A 257 -21.61 -8.05 3.23
C CYS A 257 -22.39 -8.49 4.47
N PHE A 258 -23.70 -8.66 4.32
CA PHE A 258 -24.53 -9.18 5.40
C PHE A 258 -24.14 -10.60 5.81
N CYS A 259 -23.87 -11.46 4.85
CA CYS A 259 -23.46 -12.84 5.17
C CYS A 259 -22.20 -12.89 6.00
N VAL A 260 -21.23 -12.04 5.67
CA VAL A 260 -19.95 -12.05 6.33
C VAL A 260 -20.09 -11.54 7.76
N ALA A 261 -20.82 -10.46 7.92
CA ALA A 261 -21.08 -9.91 9.25
C ALA A 261 -21.91 -10.87 10.09
N GLN A 262 -22.91 -11.51 9.48
CA GLN A 262 -23.74 -12.47 10.20
C GLN A 262 -22.94 -13.70 10.61
N MET A 263 -21.97 -14.12 9.79
CA MET A 263 -21.13 -15.27 10.15
C MET A 263 -20.16 -14.89 11.27
N MET A 264 -19.71 -13.64 11.28
CA MET A 264 -18.80 -13.15 12.32
C MET A 264 -19.55 -13.17 13.65
N TYR A 265 -20.74 -12.61 13.63
CA TYR A 265 -21.67 -12.63 14.76
C TYR A 265 -21.87 -14.04 15.29
N SER A 266 -22.13 -14.98 14.38
CA SER A 266 -22.29 -16.39 14.77
C SER A 266 -21.04 -16.95 15.42
N MET A 267 -19.88 -16.56 14.93
CA MET A 267 -18.63 -17.09 15.47
C MET A 267 -18.31 -16.52 16.85
N VAL A 268 -18.81 -15.31 17.11
CA VAL A 268 -18.67 -14.72 18.42
C VAL A 268 -19.35 -15.58 19.49
N TRP A 269 -20.51 -16.14 19.18
CA TRP A 269 -21.24 -17.00 20.12
C TRP A 269 -20.65 -18.39 20.13
N LEU A 270 -20.56 -19.02 18.97
CA LEU A 270 -19.96 -20.34 18.87
C LEU A 270 -18.64 -20.45 19.64
N CYS A 271 -17.75 -19.49 19.45
CA CYS A 271 -16.41 -19.57 20.00
C CYS A 271 -16.24 -18.75 21.28
N SER A 272 -17.33 -18.18 21.80
CA SER A 272 -17.27 -17.36 23.00
C SER A 272 -16.13 -16.34 22.92
N LEU A 273 -16.14 -15.57 21.85
CA LEU A 273 -15.05 -14.65 21.57
C LEU A 273 -14.97 -13.51 22.58
N GLN A 274 -16.08 -13.20 23.25
CA GLN A 274 -16.08 -12.14 24.26
C GLN A 274 -15.27 -12.46 25.53
N GLU A 275 -14.90 -13.72 25.73
CA GLU A 275 -13.99 -14.11 26.79
C GLU A 275 -12.54 -13.89 26.39
N LYS A 276 -12.26 -13.93 25.10
CA LYS A 276 -10.91 -13.81 24.58
C LYS A 276 -10.57 -12.41 24.10
N PHE A 277 -11.57 -11.66 23.64
CA PHE A 277 -11.31 -10.39 22.96
C PHE A 277 -11.94 -9.25 23.70
N SER A 278 -11.27 -8.11 23.69
CA SER A 278 -11.84 -6.89 24.23
C SER A 278 -13.01 -6.50 23.37
N GLN A 279 -13.79 -5.53 23.85
CA GLN A 279 -14.90 -5.01 23.09
C GLN A 279 -14.42 -4.20 21.88
N THR A 280 -13.23 -3.62 22.00
CA THR A 280 -12.62 -2.89 20.90
C THR A 280 -12.30 -3.86 19.77
N ASP A 281 -11.77 -5.03 20.10
CA ASP A 281 -11.52 -6.06 19.10
C ASP A 281 -12.79 -6.59 18.46
N ILE A 282 -13.88 -6.69 19.22
CA ILE A 282 -15.17 -7.14 18.68
C ILE A 282 -15.71 -6.10 17.69
N LEU A 283 -15.62 -4.83 18.07
CA LEU A 283 -16.03 -3.75 17.20
C LEU A 283 -15.25 -3.73 15.88
N ILE A 284 -13.95 -3.99 15.95
CA ILE A 284 -13.11 -4.02 14.77
C ILE A 284 -13.54 -5.16 13.86
N LEU A 285 -13.74 -6.33 14.45
CA LEU A 285 -14.14 -7.50 13.69
C LEU A 285 -15.46 -7.30 12.97
N MET A 286 -16.43 -6.72 13.68
CA MET A 286 -17.77 -6.55 13.12
C MET A 286 -17.79 -5.44 12.07
N THR A 287 -17.19 -4.30 12.40
CA THR A 287 -17.20 -3.16 11.50
C THR A 287 -16.41 -3.43 10.21
N ALA A 288 -15.29 -4.15 10.34
CA ALA A 288 -14.51 -4.55 9.19
C ALA A 288 -15.30 -5.51 8.31
N ALA A 289 -16.06 -6.41 8.94
CA ALA A 289 -16.83 -7.40 8.20
C ALA A 289 -17.91 -6.71 7.37
N ILE A 290 -18.55 -5.70 7.94
CA ILE A 290 -19.57 -4.96 7.23
C ILE A 290 -18.99 -4.16 6.07
N CYS A 291 -17.80 -3.60 6.28
CA CYS A 291 -17.21 -2.66 5.32
C CYS A 291 -16.29 -3.28 4.27
N HIS A 292 -15.98 -4.56 4.38
CA HIS A 292 -14.81 -5.12 3.69
C HIS A 292 -14.86 -5.23 2.16
N ASP A 293 -16.02 -5.01 1.56
CA ASP A 293 -16.17 -5.03 0.09
C ASP A 293 -16.89 -3.79 -0.42
N LEU A 294 -16.81 -2.70 0.32
CA LEU A 294 -17.49 -1.49 -0.07
C LEU A 294 -17.12 -1.04 -1.49
N ASP A 295 -18.13 -0.72 -2.30
CA ASP A 295 -17.93 -0.22 -3.66
C ASP A 295 -17.12 -1.15 -4.55
N HIS A 296 -17.25 -2.45 -4.34
CA HIS A 296 -16.61 -3.42 -5.19
C HIS A 296 -17.18 -3.26 -6.60
N PRO A 297 -16.33 -3.22 -7.63
CA PRO A 297 -16.79 -3.01 -9.01
C PRO A 297 -17.19 -4.28 -9.78
N GLY A 298 -16.84 -5.45 -9.29
CA GLY A 298 -17.30 -6.71 -9.86
C GLY A 298 -16.23 -7.40 -10.68
N TYR A 299 -15.02 -6.83 -10.68
CA TYR A 299 -13.86 -7.40 -11.35
C TYR A 299 -12.72 -7.38 -10.33
N ASN A 300 -12.04 -8.51 -10.18
CA ASN A 300 -11.04 -8.68 -9.13
C ASN A 300 -9.69 -7.96 -9.41
N ASN A 301 -8.76 -8.07 -8.47
CA ASN A 301 -7.49 -7.38 -8.56
C ASN A 301 -6.67 -7.74 -9.80
N THR A 302 -6.70 -9.02 -10.19
CA THR A 302 -6.04 -9.44 -11.40
C THR A 302 -6.51 -8.67 -12.63
N TYR A 303 -7.80 -8.38 -12.71
CA TYR A 303 -8.33 -7.59 -13.81
C TYR A 303 -7.83 -6.16 -13.69
N GLN A 304 -7.94 -5.61 -12.48
CA GLN A 304 -7.56 -4.22 -12.24
C GLN A 304 -6.13 -3.97 -12.70
N ILE A 305 -5.25 -4.91 -12.39
CA ILE A 305 -3.83 -4.78 -12.62
C ILE A 305 -3.51 -5.00 -14.11
N ASN A 306 -3.96 -6.13 -14.64
CA ASN A 306 -3.76 -6.46 -16.05
C ASN A 306 -4.35 -5.41 -16.99
N ALA A 307 -5.51 -4.87 -16.67
CA ALA A 307 -6.13 -3.82 -17.48
C ALA A 307 -5.65 -2.41 -17.11
N ARG A 308 -4.73 -2.30 -16.16
CA ARG A 308 -4.17 -1.02 -15.76
C ARG A 308 -5.24 0.02 -15.49
N THR A 309 -6.21 -0.35 -14.67
CA THR A 309 -7.32 0.53 -14.36
C THR A 309 -6.91 1.66 -13.44
N GLU A 310 -7.83 2.59 -13.30
CA GLU A 310 -7.68 3.73 -12.42
C GLU A 310 -7.36 3.32 -10.98
N LEU A 311 -7.97 2.25 -10.50
CA LEU A 311 -7.74 1.76 -9.14
C LEU A 311 -6.37 1.14 -8.98
N ALA A 312 -5.97 0.33 -9.96
CA ALA A 312 -4.65 -0.29 -9.94
C ALA A 312 -3.55 0.78 -10.00
N VAL A 313 -3.79 1.84 -10.76
CA VAL A 313 -2.82 2.92 -10.86
C VAL A 313 -2.80 3.75 -9.56
N ARG A 314 -3.97 3.94 -8.96
CA ARG A 314 -4.05 4.69 -7.69
C ARG A 314 -3.27 3.99 -6.58
N TYR A 315 -3.37 2.67 -6.54
CA TYR A 315 -2.81 1.85 -5.46
C TYR A 315 -1.59 1.02 -5.83
N ASN A 316 -1.02 1.28 -7.00
CA ASN A 316 0.28 0.72 -7.39
C ASN A 316 0.32 -0.78 -7.40
N ASP A 317 -0.77 -1.36 -7.88
CA ASP A 317 -0.94 -2.82 -7.94
C ASP A 317 -0.93 -3.50 -6.57
N ILE A 318 -0.98 -2.73 -5.48
CA ILE A 318 -0.96 -3.31 -4.11
C ILE A 318 -2.38 -3.41 -3.58
N SER A 319 -2.92 -4.62 -3.53
CA SER A 319 -4.29 -4.90 -3.11
C SER A 319 -5.25 -3.76 -3.42
N PRO A 320 -5.38 -3.40 -4.71
CA PRO A 320 -6.15 -2.20 -5.05
C PRO A 320 -7.59 -2.21 -4.53
N LEU A 321 -8.29 -3.32 -4.70
CA LEU A 321 -9.68 -3.41 -4.23
C LEU A 321 -9.79 -3.23 -2.73
N GLU A 322 -8.95 -3.96 -1.97
CA GLU A 322 -9.07 -3.93 -0.53
C GLU A 322 -8.71 -2.56 0.02
N ASN A 323 -7.68 -1.93 -0.54
CA ASN A 323 -7.36 -0.53 -0.20
C ASN A 323 -8.51 0.43 -0.49
N HIS A 324 -9.21 0.18 -1.60
CA HIS A 324 -10.37 1.01 -1.96
C HIS A 324 -11.54 0.82 -0.98
N HIS A 325 -11.87 -0.42 -0.64
CA HIS A 325 -12.97 -0.70 0.30
C HIS A 325 -12.75 0.04 1.61
N CYS A 326 -11.51 -0.04 2.07
CA CYS A 326 -11.09 0.60 3.29
C CYS A 326 -11.21 2.12 3.21
N ALA A 327 -10.70 2.70 2.14
CA ALA A 327 -10.83 4.14 1.92
C ALA A 327 -12.29 4.58 1.94
N VAL A 328 -13.14 3.84 1.26
CA VAL A 328 -14.56 4.19 1.23
C VAL A 328 -15.19 4.07 2.63
N ALA A 329 -14.82 3.03 3.38
CA ALA A 329 -15.26 2.88 4.76
C ALA A 329 -14.98 4.13 5.60
N PHE A 330 -13.77 4.69 5.50
CA PHE A 330 -13.45 5.87 6.33
C PHE A 330 -13.89 7.17 5.72
N GLN A 331 -14.15 7.20 4.41
CA GLN A 331 -14.87 8.33 3.83
C GLN A 331 -16.28 8.43 4.42
N ILE A 332 -16.95 7.28 4.52
CA ILE A 332 -18.28 7.20 5.11
C ILE A 332 -18.25 7.65 6.56
N LEU A 333 -17.33 7.09 7.35
CA LEU A 333 -17.23 7.45 8.78
C LEU A 333 -16.81 8.90 9.03
N ALA A 334 -16.25 9.54 8.02
CA ALA A 334 -15.88 10.96 8.11
C ALA A 334 -17.08 11.88 7.97
N GLU A 335 -18.18 11.37 7.44
CA GLU A 335 -19.44 12.11 7.46
C GLU A 335 -20.00 12.10 8.88
N PRO A 336 -20.23 13.30 9.47
CA PRO A 336 -20.63 13.36 10.89
C PRO A 336 -21.92 12.61 11.22
N GLU A 337 -22.92 12.72 10.36
CA GLU A 337 -24.18 12.02 10.61
C GLU A 337 -24.05 10.49 10.44
N CYS A 338 -22.95 10.02 9.84
CA CYS A 338 -22.69 8.59 9.69
C CYS A 338 -21.61 8.08 10.65
N ASN A 339 -21.10 8.94 11.52
CA ASN A 339 -19.93 8.58 12.30
C ASN A 339 -20.26 7.85 13.60
N ILE A 340 -20.42 6.54 13.49
CA ILE A 340 -20.69 5.74 14.68
C ILE A 340 -19.57 5.77 15.72
N PHE A 341 -18.40 6.29 15.37
CA PHE A 341 -17.29 6.46 16.33
C PHE A 341 -17.18 7.88 16.89
N SER A 342 -18.16 8.73 16.66
CA SER A 342 -18.03 10.13 17.07
C SER A 342 -17.86 10.34 18.58
N ASN A 343 -18.17 9.35 19.41
CA ASN A 343 -17.97 9.46 20.85
C ASN A 343 -16.85 8.59 21.38
N ILE A 344 -16.00 8.10 20.51
CA ILE A 344 -14.82 7.38 20.95
C ILE A 344 -13.69 8.41 21.06
N PRO A 345 -12.87 8.33 22.11
CA PRO A 345 -11.73 9.25 22.18
C PRO A 345 -10.73 8.97 21.04
N PRO A 346 -9.99 10.00 20.58
CA PRO A 346 -9.06 9.89 19.45
C PRO A 346 -8.11 8.69 19.49
N ASP A 347 -7.58 8.36 20.66
CA ASP A 347 -6.70 7.20 20.81
C ASP A 347 -7.43 5.93 20.41
N GLY A 348 -8.67 5.82 20.88
CA GLY A 348 -9.52 4.67 20.57
C GLY A 348 -9.83 4.58 19.10
N PHE A 349 -10.15 5.71 18.47
CA PHE A 349 -10.41 5.78 17.04
C PHE A 349 -9.22 5.29 16.23
N LYS A 350 -8.02 5.72 16.61
CA LYS A 350 -6.81 5.34 15.90
C LYS A 350 -6.57 3.86 15.99
N GLN A 351 -6.83 3.29 17.16
CA GLN A 351 -6.67 1.86 17.36
C GLN A 351 -7.66 1.06 16.49
N ILE A 352 -8.89 1.55 16.44
CA ILE A 352 -9.95 0.91 15.66
C ILE A 352 -9.62 1.01 14.17
N ARG A 353 -9.27 2.21 13.73
CA ARG A 353 -8.88 2.44 12.34
C ARG A 353 -7.75 1.51 11.91
N GLN A 354 -6.70 1.41 12.72
CA GLN A 354 -5.57 0.56 12.38
C GLN A 354 -6.02 -0.89 12.26
N GLY A 355 -6.85 -1.31 13.22
CA GLY A 355 -7.34 -2.67 13.26
C GLY A 355 -8.20 -2.98 12.04
N MET A 356 -9.13 -2.09 11.73
CA MET A 356 -9.99 -2.30 10.56
C MET A 356 -9.17 -2.39 9.26
N ILE A 357 -8.17 -1.53 9.11
CA ILE A 357 -7.32 -1.53 7.93
C ILE A 357 -6.62 -2.88 7.78
N THR A 358 -5.98 -3.33 8.85
CA THR A 358 -5.33 -4.63 8.83
C THR A 358 -6.29 -5.74 8.39
N LEU A 359 -7.49 -5.76 8.96
CA LEU A 359 -8.40 -6.86 8.67
C LEU A 359 -8.94 -6.83 7.24
N ILE A 360 -9.35 -5.65 6.78
CA ILE A 360 -9.88 -5.52 5.42
C ILE A 360 -8.80 -5.86 4.38
N LEU A 361 -7.58 -5.38 4.58
CA LEU A 361 -6.47 -5.71 3.67
C LEU A 361 -6.14 -7.19 3.72
N ALA A 362 -6.43 -7.82 4.85
CA ALA A 362 -6.17 -9.25 4.99
C ALA A 362 -7.11 -10.12 4.17
N THR A 363 -8.21 -9.54 3.67
CA THR A 363 -9.19 -10.31 2.85
C THR A 363 -8.77 -10.54 1.40
N ASP A 364 -7.71 -9.87 0.95
CA ASP A 364 -7.11 -10.12 -0.37
C ASP A 364 -6.59 -11.55 -0.44
N MET A 365 -7.27 -12.39 -1.22
CA MET A 365 -6.91 -13.83 -1.28
C MET A 365 -5.52 -14.15 -1.84
N ALA A 366 -4.90 -13.18 -2.51
CA ALA A 366 -3.51 -13.29 -2.93
C ALA A 366 -2.60 -13.57 -1.74
N ARG A 367 -2.98 -13.08 -0.56
CA ARG A 367 -2.17 -13.24 0.65
C ARG A 367 -2.55 -14.47 1.48
N HIS A 368 -3.42 -15.32 0.95
CA HIS A 368 -3.99 -16.40 1.76
C HIS A 368 -2.96 -17.38 2.33
N ALA A 369 -2.01 -17.81 1.50
CA ALA A 369 -1.02 -18.79 1.96
C ALA A 369 -0.04 -18.16 2.93
N GLU A 370 0.35 -16.92 2.66
CA GLU A 370 1.21 -16.11 3.54
C GLU A 370 0.58 -16.01 4.94
N ILE A 371 -0.67 -15.59 5.00
CA ILE A 371 -1.34 -15.34 6.27
C ILE A 371 -1.56 -16.63 7.03
N MET A 372 -1.90 -17.68 6.30
CA MET A 372 -2.05 -19.00 6.89
C MET A 372 -0.73 -19.49 7.49
N ASP A 373 0.35 -19.37 6.73
CA ASP A 373 1.68 -19.74 7.22
C ASP A 373 2.08 -18.96 8.48
N SER A 374 1.84 -17.65 8.48
CA SER A 374 2.13 -16.84 9.65
C SER A 374 1.35 -17.32 10.86
N PHE A 375 0.06 -17.60 10.66
CA PHE A 375 -0.80 -18.03 11.74
C PHE A 375 -0.42 -19.41 12.28
N LYS A 376 -0.08 -20.34 11.39
CA LYS A 376 0.29 -21.69 11.80
C LYS A 376 1.62 -21.71 12.58
N GLU A 377 2.50 -20.78 12.24
CA GLU A 377 3.71 -20.54 13.00
C GLU A 377 3.38 -20.12 14.45
N LYS A 378 2.44 -19.20 14.63
CA LYS A 378 2.01 -18.76 15.96
C LYS A 378 1.29 -19.87 16.69
N MET A 379 0.56 -20.70 15.93
CA MET A 379 -0.18 -21.82 16.49
C MET A 379 0.72 -22.92 17.05
N GLU A 380 2.01 -22.86 16.75
CA GLU A 380 2.99 -23.74 17.36
C GLU A 380 2.98 -23.55 18.89
N ASN A 381 2.74 -22.33 19.35
CA ASN A 381 2.56 -22.05 20.78
C ASN A 381 1.74 -20.77 20.96
N PHE A 382 0.42 -20.89 20.80
CA PHE A 382 -0.43 -19.70 20.74
C PHE A 382 -0.56 -19.04 22.10
N ASP A 383 -0.70 -17.72 22.10
CA ASP A 383 -0.64 -16.90 23.30
C ASP A 383 -1.65 -15.76 23.15
N TYR A 384 -2.79 -15.89 23.83
CA TYR A 384 -3.87 -14.89 23.76
C TYR A 384 -3.49 -13.49 24.21
N SER A 385 -2.40 -13.35 24.95
CA SER A 385 -1.96 -12.03 25.42
C SER A 385 -0.90 -11.41 24.51
N ASN A 386 -0.45 -12.17 23.51
CA ASN A 386 0.47 -11.67 22.50
C ASN A 386 -0.33 -10.95 21.41
N GLU A 387 -0.14 -9.65 21.28
CA GLU A 387 -0.92 -8.81 20.37
C GLU A 387 -0.76 -9.24 18.91
N GLU A 388 0.47 -9.60 18.57
CA GLU A 388 0.81 -10.12 17.26
C GLU A 388 0.09 -11.44 16.93
N HIS A 389 -0.08 -12.28 17.94
CA HIS A 389 -0.84 -13.53 17.81
C HIS A 389 -2.32 -13.23 17.59
N MET A 390 -2.84 -12.24 18.32
CA MET A 390 -4.26 -11.90 18.25
C MET A 390 -4.62 -11.17 16.97
N THR A 391 -3.69 -10.39 16.45
CA THR A 391 -3.89 -9.72 15.18
C THR A 391 -4.07 -10.76 14.09
N LEU A 392 -3.20 -11.78 14.10
CA LEU A 392 -3.29 -12.84 13.12
C LEU A 392 -4.56 -13.67 13.28
N LEU A 393 -5.02 -13.87 14.51
CA LEU A 393 -6.25 -14.62 14.73
C LEU A 393 -7.43 -13.86 14.16
N LYS A 394 -7.45 -12.55 14.38
CA LYS A 394 -8.54 -11.73 13.86
C LYS A 394 -8.54 -11.71 12.32
N MET A 395 -7.34 -11.70 11.73
CA MET A 395 -7.22 -11.76 10.28
C MET A 395 -7.79 -13.08 9.76
N ILE A 396 -7.49 -14.16 10.46
CA ILE A 396 -8.04 -15.48 10.12
C ILE A 396 -9.56 -15.52 10.29
N LEU A 397 -10.07 -14.86 11.31
CA LEU A 397 -11.50 -14.86 11.56
C LEU A 397 -12.28 -14.17 10.45
N ILE A 398 -11.87 -12.96 10.09
CA ILE A 398 -12.55 -12.24 9.00
C ILE A 398 -12.41 -12.98 7.67
N LYS A 399 -11.26 -13.61 7.46
CA LYS A 399 -11.08 -14.47 6.31
C LYS A 399 -12.04 -15.64 6.29
N CYS A 400 -12.15 -16.36 7.40
CA CYS A 400 -13.13 -17.44 7.55
C CYS A 400 -14.52 -16.95 7.15
N CYS A 401 -14.92 -15.80 7.67
CA CYS A 401 -16.27 -15.29 7.45
C CYS A 401 -16.50 -14.84 6.01
N ASP A 402 -15.47 -14.29 5.37
CA ASP A 402 -15.55 -13.78 4.01
C ASP A 402 -15.84 -14.89 3.02
N ILE A 403 -15.22 -16.04 3.19
CA ILE A 403 -15.36 -17.15 2.23
C ILE A 403 -16.18 -18.31 2.80
N SER A 404 -17.08 -18.00 3.74
CA SER A 404 -17.80 -19.01 4.54
C SER A 404 -19.12 -19.54 3.95
N ASN A 405 -19.51 -19.12 2.74
CA ASN A 405 -20.80 -19.55 2.20
C ASN A 405 -21.04 -21.05 2.32
N GLU A 406 -20.02 -21.86 2.08
CA GLU A 406 -20.17 -23.32 2.03
C GLU A 406 -20.31 -24.01 3.40
N VAL A 407 -20.12 -23.25 4.46
CA VAL A 407 -20.37 -23.70 5.82
C VAL A 407 -21.87 -23.74 6.09
N ARG A 408 -22.60 -22.86 5.42
CA ARG A 408 -24.04 -22.77 5.58
C ARG A 408 -24.74 -24.00 5.01
N PRO A 409 -26.01 -24.24 5.41
CA PRO A 409 -26.79 -25.36 4.85
C PRO A 409 -26.89 -25.30 3.33
N MET A 410 -26.90 -26.46 2.70
CA MET A 410 -26.83 -26.55 1.24
C MET A 410 -27.79 -25.62 0.51
N GLU A 411 -29.00 -25.51 1.00
CA GLU A 411 -30.05 -24.76 0.30
C GLU A 411 -29.72 -23.26 0.34
N VAL A 412 -29.05 -22.83 1.40
CA VAL A 412 -28.61 -21.43 1.53
C VAL A 412 -27.33 -21.20 0.74
N ALA A 413 -26.44 -22.18 0.74
CA ALA A 413 -25.13 -22.05 0.12
C ALA A 413 -25.13 -22.14 -1.40
N GLU A 414 -25.97 -23.01 -1.98
CA GLU A 414 -25.91 -23.31 -3.42
C GLU A 414 -26.13 -22.08 -4.32
N PRO A 415 -27.14 -21.27 -4.02
CA PRO A 415 -27.37 -20.10 -4.86
C PRO A 415 -26.17 -19.13 -4.92
N TRP A 416 -25.36 -19.08 -3.87
CA TRP A 416 -24.17 -18.24 -3.90
C TRP A 416 -23.20 -18.66 -5.00
N VAL A 417 -23.14 -19.96 -5.31
CA VAL A 417 -22.24 -20.43 -6.34
C VAL A 417 -22.67 -19.92 -7.71
N ASP A 418 -23.98 -19.91 -7.99
CA ASP A 418 -24.47 -19.34 -9.24
C ASP A 418 -24.05 -17.90 -9.35
N CYS A 419 -24.23 -17.14 -8.27
CA CYS A 419 -23.85 -15.73 -8.23
C CYS A 419 -22.36 -15.54 -8.50
N LEU A 420 -21.57 -16.40 -7.90
CA LEU A 420 -20.14 -16.34 -8.04
C LEU A 420 -19.75 -16.51 -9.51
N LEU A 421 -20.20 -17.60 -10.11
CA LEU A 421 -19.89 -17.88 -11.50
C LEU A 421 -20.40 -16.76 -12.40
N GLU A 422 -21.58 -16.26 -12.11
CA GLU A 422 -22.14 -15.20 -12.93
C GLU A 422 -21.20 -14.00 -12.92
N GLU A 423 -20.75 -13.60 -11.74
CA GLU A 423 -19.86 -12.43 -11.65
C GLU A 423 -18.51 -12.72 -12.30
N TYR A 424 -17.94 -13.88 -12.01
CA TYR A 424 -16.63 -14.23 -12.53
C TYR A 424 -16.61 -14.45 -14.05
N PHE A 425 -17.68 -15.03 -14.59
CA PHE A 425 -17.77 -15.25 -16.03
C PHE A 425 -17.87 -13.92 -16.78
N MET A 426 -18.59 -12.96 -16.21
CA MET A 426 -18.61 -11.59 -16.70
C MET A 426 -17.18 -11.06 -16.94
N GLN A 427 -16.29 -11.28 -15.97
CA GLN A 427 -14.93 -10.78 -16.04
C GLN A 427 -14.13 -11.52 -17.11
N SER A 428 -14.21 -12.84 -17.12
CA SER A 428 -13.44 -13.63 -18.08
C SER A 428 -13.92 -13.37 -19.52
N ASP A 429 -15.22 -13.12 -19.69
CA ASP A 429 -15.76 -12.68 -20.98
C ASP A 429 -15.06 -11.40 -21.43
N ARG A 430 -15.03 -10.44 -20.51
CA ARG A 430 -14.46 -9.14 -20.78
C ARG A 430 -12.95 -9.24 -21.02
N GLU A 431 -12.27 -10.07 -20.26
CA GLU A 431 -10.84 -10.24 -20.45
C GLU A 431 -10.50 -10.84 -21.82
N LYS A 432 -11.39 -11.70 -22.30
CA LYS A 432 -11.17 -12.37 -23.57
C LYS A 432 -11.33 -11.38 -24.72
N SER A 433 -12.36 -10.54 -24.65
CA SER A 433 -12.64 -9.58 -25.70
C SER A 433 -11.77 -8.32 -25.61
N GLU A 434 -10.89 -8.24 -24.60
CA GLU A 434 -9.93 -7.15 -24.48
C GLU A 434 -8.50 -7.65 -24.64
N GLY A 435 -8.32 -8.96 -24.82
CA GLY A 435 -7.01 -9.53 -25.07
C GLY A 435 -6.16 -9.76 -23.84
N LEU A 436 -6.81 -9.73 -22.67
CA LEU A 436 -6.12 -9.91 -21.37
C LEU A 436 -6.13 -11.38 -20.99
N PRO A 437 -5.14 -11.80 -20.19
CA PRO A 437 -5.11 -13.22 -19.80
C PRO A 437 -6.36 -13.65 -19.02
N VAL A 438 -6.76 -14.91 -19.19
CA VAL A 438 -7.92 -15.48 -18.49
C VAL A 438 -7.47 -16.68 -17.68
N ALA A 439 -7.87 -16.71 -16.42
CA ALA A 439 -7.52 -17.81 -15.54
C ALA A 439 -8.47 -18.97 -15.87
N PRO A 440 -7.91 -20.19 -16.06
CA PRO A 440 -8.76 -21.33 -16.34
C PRO A 440 -9.90 -21.49 -15.33
N PHE A 441 -9.61 -21.18 -14.06
CA PHE A 441 -10.59 -21.38 -12.98
C PHE A 441 -11.82 -20.47 -13.09
N MET A 442 -11.75 -19.44 -13.93
CA MET A 442 -12.90 -18.55 -14.18
C MET A 442 -13.39 -18.63 -15.61
N ASP A 443 -12.90 -19.62 -16.35
CA ASP A 443 -13.17 -19.73 -17.78
C ASP A 443 -14.54 -20.36 -18.01
N ARG A 444 -15.48 -19.57 -18.49
CA ARG A 444 -16.84 -20.02 -18.79
C ARG A 444 -16.93 -21.34 -19.55
N ASP A 445 -15.94 -21.64 -20.38
CA ASP A 445 -15.94 -22.89 -21.14
C ASP A 445 -15.36 -24.05 -20.35
N LYS A 446 -14.64 -23.79 -19.26
CA LYS A 446 -14.00 -24.86 -18.49
C LYS A 446 -14.61 -25.14 -17.11
N VAL A 447 -15.44 -24.23 -16.59
CA VAL A 447 -15.81 -24.28 -15.19
C VAL A 447 -17.22 -24.81 -15.00
N THR A 448 -17.36 -25.73 -14.04
CA THR A 448 -18.67 -26.17 -13.57
C THR A 448 -18.81 -25.74 -12.12
N LYS A 449 -20.05 -25.62 -11.68
CA LYS A 449 -20.40 -25.40 -10.28
C LYS A 449 -19.55 -26.30 -9.36
N ALA A 450 -19.49 -27.59 -9.67
CA ALA A 450 -18.76 -28.54 -8.86
C ALA A 450 -17.25 -28.32 -8.88
N THR A 451 -16.65 -28.16 -10.07
CA THR A 451 -15.20 -27.94 -10.15
C THR A 451 -14.78 -26.60 -9.56
N ALA A 452 -15.70 -25.65 -9.47
CA ALA A 452 -15.44 -24.40 -8.78
C ALA A 452 -15.30 -24.56 -7.26
N GLN A 453 -15.99 -25.56 -6.69
CA GLN A 453 -16.07 -25.70 -5.24
C GLN A 453 -15.23 -26.81 -4.62
N ILE A 454 -15.06 -27.93 -5.30
CA ILE A 454 -14.41 -29.10 -4.70
C ILE A 454 -13.00 -28.77 -4.19
N GLY A 455 -12.19 -28.17 -5.07
CA GLY A 455 -10.82 -27.84 -4.73
C GLY A 455 -10.77 -26.72 -3.71
N PHE A 456 -11.66 -25.76 -3.85
CA PHE A 456 -11.75 -24.65 -2.91
C PHE A 456 -12.05 -25.17 -1.50
N ILE A 457 -12.98 -26.09 -1.39
CA ILE A 457 -13.39 -26.63 -0.10
C ILE A 457 -12.26 -27.45 0.51
N LYS A 458 -11.63 -28.28 -0.32
CA LYS A 458 -10.63 -29.22 0.15
C LYS A 458 -9.31 -28.58 0.54
N PHE A 459 -8.83 -27.64 -0.27
CA PHE A 459 -7.50 -27.08 -0.08
C PHE A 459 -7.50 -25.64 0.45
N VAL A 460 -8.65 -25.03 0.64
CA VAL A 460 -8.71 -23.67 1.20
C VAL A 460 -9.55 -23.64 2.48
N LEU A 461 -10.81 -24.02 2.38
CA LEU A 461 -11.72 -23.92 3.51
C LEU A 461 -11.43 -24.93 4.60
N ILE A 462 -11.36 -26.21 4.25
CA ILE A 462 -11.21 -27.24 5.27
C ILE A 462 -9.93 -27.04 6.09
N PRO A 463 -8.78 -26.83 5.43
CA PRO A 463 -7.56 -26.62 6.20
C PRO A 463 -7.62 -25.39 7.09
N MET A 464 -8.22 -24.31 6.60
CA MET A 464 -8.30 -23.10 7.41
C MET A 464 -9.13 -23.33 8.68
N PHE A 465 -10.30 -23.95 8.54
CA PHE A 465 -11.15 -24.22 9.70
C PHE A 465 -10.57 -25.30 10.63
N GLU A 466 -9.75 -26.20 10.08
CA GLU A 466 -9.00 -27.17 10.89
C GLU A 466 -8.05 -26.46 11.86
N THR A 467 -7.29 -25.50 11.36
CA THR A 467 -6.40 -24.70 12.21
C THR A 467 -7.18 -23.90 13.26
N VAL A 468 -8.31 -23.32 12.86
CA VAL A 468 -9.14 -22.59 13.80
C VAL A 468 -9.69 -23.54 14.86
N THR A 469 -10.02 -24.76 14.45
CA THR A 469 -10.59 -25.76 15.35
C THR A 469 -9.65 -26.09 16.52
N LYS A 470 -8.34 -26.11 16.24
CA LYS A 470 -7.34 -26.36 17.28
C LYS A 470 -7.44 -25.39 18.44
N LEU A 471 -7.82 -24.15 18.16
CA LEU A 471 -8.17 -23.17 19.19
C LEU A 471 -9.59 -23.37 19.69
N PHE A 472 -10.52 -23.60 18.77
CA PHE A 472 -11.94 -23.65 19.11
C PHE A 472 -12.55 -24.97 18.65
N PRO A 473 -12.45 -26.01 19.50
CA PRO A 473 -12.90 -27.36 19.08
C PRO A 473 -14.37 -27.45 18.70
N MET A 474 -15.21 -26.59 19.25
CA MET A 474 -16.62 -26.55 18.88
C MET A 474 -16.85 -26.19 17.39
N VAL A 475 -15.83 -25.61 16.75
CA VAL A 475 -15.91 -25.29 15.32
C VAL A 475 -16.04 -26.55 14.45
N GLU A 476 -15.43 -27.65 14.88
CA GLU A 476 -15.41 -28.86 14.06
C GLU A 476 -16.80 -29.36 13.68
N GLU A 477 -17.68 -29.47 14.65
CA GLU A 477 -19.00 -30.02 14.43
C GLU A 477 -19.94 -29.04 13.71
N ILE A 478 -19.78 -27.75 13.98
CA ILE A 478 -20.69 -26.75 13.45
C ILE A 478 -20.30 -26.27 12.05
N MET A 479 -19.03 -26.40 11.68
CA MET A 479 -18.53 -25.78 10.46
C MET A 479 -17.74 -26.72 9.54
N LEU A 480 -16.85 -27.53 10.11
CA LEU A 480 -16.15 -28.51 9.30
C LEU A 480 -17.09 -29.59 8.77
N GLN A 481 -18.10 -29.93 9.57
CA GLN A 481 -19.06 -30.97 9.22
C GLN A 481 -19.81 -30.63 7.91
N PRO A 482 -20.45 -29.44 7.82
CA PRO A 482 -21.07 -29.08 6.54
C PRO A 482 -20.08 -29.02 5.36
N LEU A 483 -18.85 -28.61 5.62
CA LEU A 483 -17.82 -28.61 4.58
C LEU A 483 -17.52 -30.01 4.07
N TRP A 484 -17.52 -31.00 4.96
CA TRP A 484 -17.30 -32.38 4.53
C TRP A 484 -18.47 -32.86 3.67
N GLU A 485 -19.68 -32.52 4.09
CA GLU A 485 -20.87 -32.91 3.35
C GLU A 485 -20.95 -32.22 1.99
N SER A 486 -20.56 -30.95 1.94
CA SER A 486 -20.57 -30.21 0.68
C SER A 486 -19.53 -30.78 -0.27
N ARG A 487 -18.33 -31.01 0.25
CA ARG A 487 -17.29 -31.66 -0.52
C ARG A 487 -17.82 -32.95 -1.17
N ASP A 488 -18.42 -33.82 -0.36
CA ASP A 488 -18.88 -35.12 -0.85
C ASP A 488 -19.98 -34.94 -1.90
N ARG A 489 -20.90 -34.03 -1.63
CA ARG A 489 -22.00 -33.78 -2.56
C ARG A 489 -21.49 -33.26 -3.91
N TYR A 490 -20.56 -32.32 -3.89
CA TYR A 490 -20.03 -31.78 -5.15
C TYR A 490 -19.22 -32.81 -5.91
N GLU A 491 -18.55 -33.70 -5.20
CA GLU A 491 -17.83 -34.79 -5.87
C GLU A 491 -18.80 -35.75 -6.55
N GLU A 492 -19.99 -35.92 -5.97
CA GLU A 492 -21.05 -36.72 -6.58
C GLU A 492 -21.61 -36.00 -7.80
N LEU A 493 -21.89 -34.71 -7.66
CA LEU A 493 -22.38 -33.90 -8.78
C LEU A 493 -21.41 -33.95 -9.95
N LYS A 494 -20.12 -33.87 -9.64
CA LYS A 494 -19.09 -33.94 -10.66
C LYS A 494 -19.14 -35.23 -11.49
N ARG A 495 -19.43 -36.36 -10.85
CA ARG A 495 -19.53 -37.64 -11.56
C ARG A 495 -20.66 -37.64 -12.57
N ILE A 496 -21.79 -37.05 -12.20
CA ILE A 496 -22.91 -36.87 -13.13
C ILE A 496 -22.54 -35.89 -14.24
N ASP A 497 -21.96 -34.76 -13.88
CA ASP A 497 -21.49 -33.83 -14.90
C ASP A 497 -20.58 -34.54 -15.90
N ASP A 498 -19.66 -35.37 -15.39
CA ASP A 498 -18.73 -36.07 -16.26
C ASP A 498 -19.43 -37.08 -17.17
N ALA A 499 -20.38 -37.82 -16.62
CA ALA A 499 -21.17 -38.78 -17.38
C ALA A 499 -21.92 -38.05 -18.51
N MET A 500 -22.51 -36.91 -18.20
CA MET A 500 -23.18 -36.08 -19.21
C MET A 500 -22.24 -35.68 -20.36
N LYS A 501 -20.99 -35.35 -20.04
CA LYS A 501 -20.02 -34.98 -21.08
C LYS A 501 -19.65 -36.18 -21.94
N GLU A 502 -19.70 -37.39 -21.39
CA GLU A 502 -19.49 -38.62 -22.17
C GLU A 502 -20.57 -38.80 -23.25
N LEU A 503 -21.78 -38.32 -22.99
CA LEU A 503 -22.89 -38.39 -23.95
C LEU A 503 -22.87 -37.25 -24.98
N GLN A 504 -21.98 -36.27 -24.81
CA GLN A 504 -21.91 -35.10 -25.69
C GLN A 504 -20.70 -35.06 -26.62
N LYS A 505 -19.60 -35.72 -26.25
CA LYS A 505 -18.39 -35.66 -27.05
C LYS A 505 -18.66 -36.18 -28.47
N LYS A 506 -17.74 -35.90 -29.38
CA LYS A 506 -17.89 -36.35 -30.78
C LYS A 506 -16.55 -36.80 -31.38
N PRO B 181 28.25 31.08 -33.25
CA PRO B 181 27.74 32.08 -32.32
C PRO B 181 27.64 31.54 -30.89
N THR B 182 26.96 32.29 -30.02
CA THR B 182 26.57 31.77 -28.70
C THR B 182 25.28 30.96 -28.89
N TYR B 183 25.28 29.74 -28.34
CA TYR B 183 24.13 28.86 -28.47
C TYR B 183 23.18 29.10 -27.29
N PRO B 184 21.84 29.01 -27.52
CA PRO B 184 20.89 29.16 -26.40
C PRO B 184 21.17 28.18 -25.25
N LYS B 185 20.68 28.53 -24.07
CA LYS B 185 21.00 27.79 -22.84
C LYS B 185 20.58 26.31 -22.87
N TYR B 186 19.47 26.02 -23.54
CA TYR B 186 18.97 24.65 -23.62
C TYR B 186 19.80 23.73 -24.52
N LEU B 187 20.81 24.30 -25.21
CA LEU B 187 21.88 23.52 -25.83
C LEU B 187 23.06 23.46 -24.86
N LEU B 188 23.29 22.28 -24.29
CA LEU B 188 24.32 22.13 -23.26
C LEU B 188 25.71 22.13 -23.86
N SER B 189 26.61 22.91 -23.26
CA SER B 189 28.02 22.90 -23.68
C SER B 189 28.69 21.58 -23.32
N PRO B 190 29.76 21.21 -24.04
CA PRO B 190 30.50 19.99 -23.68
C PRO B 190 31.10 19.99 -22.27
N GLU B 191 31.28 21.17 -21.68
CA GLU B 191 31.88 21.29 -20.35
C GLU B 191 30.83 20.89 -19.32
N THR B 192 29.60 21.34 -19.54
CA THR B 192 28.46 20.97 -18.70
C THR B 192 28.24 19.47 -18.75
N ILE B 193 28.16 18.92 -19.97
CA ILE B 193 28.00 17.48 -20.21
C ILE B 193 29.00 16.66 -19.40
N GLU B 194 30.24 17.13 -19.35
CA GLU B 194 31.29 16.47 -18.59
C GLU B 194 31.05 16.61 -17.08
N ALA B 195 30.75 17.83 -16.63
CA ALA B 195 30.54 18.11 -15.20
C ALA B 195 29.30 17.38 -14.63
N LEU B 196 28.30 17.18 -15.49
CA LEU B 196 27.06 16.48 -15.13
C LEU B 196 27.26 15.03 -14.64
N ARG B 197 28.39 14.43 -14.99
CA ARG B 197 28.69 13.05 -14.58
C ARG B 197 29.21 12.94 -13.16
N LYS B 198 29.29 14.07 -12.46
CA LYS B 198 30.09 14.14 -11.24
C LYS B 198 29.25 14.79 -10.14
N PRO B 199 29.39 14.30 -8.89
CA PRO B 199 28.58 14.82 -7.77
C PRO B 199 28.92 16.23 -7.32
N THR B 200 29.86 16.88 -8.01
CA THR B 200 30.23 18.26 -7.73
C THR B 200 29.39 19.23 -8.54
N PHE B 201 28.59 18.72 -9.49
CA PHE B 201 27.77 19.56 -10.35
C PHE B 201 26.96 20.60 -9.56
N ASP B 202 27.07 21.87 -9.97
CA ASP B 202 26.35 22.95 -9.27
C ASP B 202 24.92 22.99 -9.77
N VAL B 203 24.04 22.41 -8.98
CA VAL B 203 22.62 22.32 -9.30
C VAL B 203 21.91 23.68 -9.29
N TRP B 204 22.50 24.67 -8.61
CA TRP B 204 21.90 26.00 -8.52
C TRP B 204 22.09 26.88 -9.76
N LEU B 205 23.10 26.58 -10.59
CA LEU B 205 23.37 27.38 -11.79
C LEU B 205 22.26 27.39 -12.82
N TRP B 206 21.43 26.35 -12.85
CA TRP B 206 20.58 26.08 -14.01
C TRP B 206 19.11 26.34 -13.79
N GLU B 207 18.46 26.85 -14.82
CA GLU B 207 17.02 27.04 -14.83
C GLU B 207 16.31 25.79 -15.35
N PRO B 208 14.97 25.74 -15.21
CA PRO B 208 14.22 24.51 -15.54
C PRO B 208 14.52 23.91 -16.91
N ASN B 209 14.50 24.72 -17.95
CA ASN B 209 14.81 24.27 -19.31
C ASN B 209 16.16 23.57 -19.38
N GLU B 210 17.15 24.16 -18.71
CA GLU B 210 18.50 23.62 -18.74
C GLU B 210 18.57 22.29 -18.01
N MET B 211 17.91 22.23 -16.86
CA MET B 211 17.81 20.97 -16.10
C MET B 211 17.09 19.89 -16.90
N LEU B 212 16.03 20.28 -17.60
CA LEU B 212 15.31 19.34 -18.44
C LEU B 212 16.20 18.77 -19.55
N SER B 213 16.98 19.64 -20.21
CA SER B 213 17.98 19.18 -21.19
C SER B 213 19.02 18.25 -20.57
N CYS B 214 19.47 18.59 -19.36
CA CYS B 214 20.37 17.69 -18.64
C CYS B 214 19.80 16.28 -18.47
N LEU B 215 18.53 16.20 -18.04
CA LEU B 215 17.88 14.92 -17.80
C LEU B 215 17.70 14.15 -19.08
N GLU B 216 17.27 14.86 -20.12
CA GLU B 216 17.17 14.30 -21.46
C GLU B 216 18.48 13.67 -21.91
N HIS B 217 19.58 14.39 -21.73
CA HIS B 217 20.91 13.90 -22.10
C HIS B 217 21.26 12.61 -21.37
N MET B 218 20.88 12.51 -20.09
CA MET B 218 21.18 11.33 -19.30
C MET B 218 20.58 10.08 -19.93
N TYR B 219 19.37 10.18 -20.46
CA TYR B 219 18.70 9.00 -21.00
C TYR B 219 19.34 8.54 -22.31
N HIS B 220 19.75 9.50 -23.14
CA HIS B 220 20.54 9.20 -24.34
C HIS B 220 21.90 8.65 -23.94
N ASP B 221 22.63 9.39 -23.12
CA ASP B 221 23.98 9.00 -22.67
C ASP B 221 24.08 7.61 -22.00
N LEU B 222 23.04 7.22 -21.27
CA LEU B 222 23.05 5.89 -20.63
C LEU B 222 22.60 4.76 -21.58
N GLY B 223 22.21 5.12 -22.80
CA GLY B 223 21.79 4.13 -23.80
C GLY B 223 20.39 3.60 -23.56
N LEU B 224 19.56 4.37 -22.84
CA LEU B 224 18.19 3.95 -22.51
C LEU B 224 17.25 4.27 -23.68
N VAL B 225 17.49 5.39 -24.33
CA VAL B 225 16.76 5.74 -25.55
C VAL B 225 16.94 4.62 -26.58
N ARG B 226 18.19 4.23 -26.78
CA ARG B 226 18.55 3.18 -27.70
C ARG B 226 17.95 1.83 -27.32
N ASP B 227 18.21 1.41 -26.08
CA ASP B 227 17.86 0.05 -25.67
C ASP B 227 16.38 -0.18 -25.39
N PHE B 228 15.61 0.89 -25.20
CA PHE B 228 14.18 0.71 -25.00
C PHE B 228 13.35 1.38 -26.08
N SER B 229 14.03 1.79 -27.17
CA SER B 229 13.39 2.47 -28.30
C SER B 229 12.53 3.62 -27.83
N ILE B 230 13.08 4.47 -26.99
CA ILE B 230 12.32 5.59 -26.48
C ILE B 230 12.25 6.63 -27.59
N ASN B 231 11.04 7.02 -27.97
CA ASN B 231 10.88 8.13 -28.91
C ASN B 231 11.45 9.41 -28.27
N PRO B 232 12.52 9.97 -28.85
CA PRO B 232 13.15 11.16 -28.30
C PRO B 232 12.21 12.33 -28.08
N VAL B 233 11.18 12.46 -28.92
CA VAL B 233 10.21 13.54 -28.73
C VAL B 233 9.32 13.24 -27.52
N THR B 234 8.86 11.99 -27.41
CA THR B 234 8.12 11.57 -26.23
C THR B 234 8.95 11.83 -24.95
N LEU B 235 10.23 11.50 -24.99
CA LEU B 235 11.12 11.73 -23.85
C LEU B 235 11.08 13.19 -23.38
N ARG B 236 11.08 14.11 -24.34
CA ARG B 236 11.01 15.54 -24.03
C ARG B 236 9.67 15.94 -23.44
N ARG B 237 8.58 15.44 -24.05
CA ARG B 237 7.24 15.75 -23.54
C ARG B 237 7.08 15.20 -22.12
N TRP B 238 7.49 13.94 -21.93
CA TRP B 238 7.44 13.29 -20.62
C TRP B 238 8.13 14.12 -19.56
N LEU B 239 9.34 14.58 -19.82
CA LEU B 239 10.09 15.41 -18.87
C LEU B 239 9.39 16.74 -18.59
N PHE B 240 8.73 17.32 -19.59
CA PHE B 240 7.95 18.53 -19.37
C PHE B 240 6.75 18.26 -18.47
N CYS B 241 6.05 17.15 -18.69
CA CYS B 241 4.88 16.83 -17.86
C CYS B 241 5.33 16.53 -16.44
N VAL B 242 6.43 15.82 -16.29
CA VAL B 242 7.01 15.58 -14.97
C VAL B 242 7.29 16.91 -14.27
N HIS B 243 7.96 17.82 -14.97
CA HIS B 243 8.27 19.14 -14.43
C HIS B 243 7.01 19.86 -13.95
N ASP B 244 5.97 19.81 -14.76
CA ASP B 244 4.72 20.48 -14.45
C ASP B 244 4.03 19.92 -13.21
N ASN B 245 4.26 18.63 -12.93
CA ASN B 245 3.64 17.98 -11.78
C ASN B 245 4.44 18.05 -10.48
N TYR B 246 5.59 18.72 -10.49
CA TYR B 246 6.25 19.10 -9.23
C TYR B 246 5.70 20.45 -8.83
N ARG B 247 5.43 20.64 -7.54
CA ARG B 247 4.91 21.91 -7.03
C ARG B 247 6.02 22.81 -6.57
N ASN B 248 5.74 24.09 -6.39
CA ASN B 248 6.76 25.05 -6.00
C ASN B 248 6.90 25.13 -4.48
N ASN B 249 7.25 24.01 -3.86
CA ASN B 249 7.54 23.97 -2.43
C ASN B 249 8.96 24.49 -2.21
N PRO B 250 9.28 24.94 -0.99
CA PRO B 250 10.66 25.38 -0.74
C PRO B 250 11.70 24.28 -0.98
N PHE B 251 11.44 23.07 -0.49
CA PHE B 251 12.39 21.96 -0.62
C PHE B 251 11.95 20.94 -1.67
N HIS B 252 10.75 20.37 -1.52
CA HIS B 252 10.32 19.28 -2.41
C HIS B 252 9.75 19.84 -3.70
N ASN B 253 10.67 20.20 -4.59
CA ASN B 253 10.32 20.84 -5.86
C ASN B 253 11.07 20.19 -7.00
N PHE B 254 10.97 20.76 -8.20
CA PHE B 254 11.60 20.19 -9.36
C PHE B 254 13.13 20.14 -9.25
N ARG B 255 13.73 21.13 -8.59
CA ARG B 255 15.19 21.13 -8.46
C ARG B 255 15.65 19.95 -7.58
N HIS B 256 14.89 19.65 -6.53
CA HIS B 256 15.17 18.47 -5.70
C HIS B 256 15.14 17.23 -6.56
N CYS B 257 14.09 17.12 -7.35
CA CYS B 257 13.97 16.04 -8.30
C CYS B 257 15.23 15.95 -9.17
N PHE B 258 15.67 17.09 -9.68
CA PHE B 258 16.88 17.14 -10.50
C PHE B 258 18.11 16.67 -9.73
N CYS B 259 18.29 17.16 -8.50
CA CYS B 259 19.41 16.72 -7.67
C CYS B 259 19.50 15.23 -7.50
N VAL B 260 18.35 14.60 -7.25
CA VAL B 260 18.30 13.20 -6.94
C VAL B 260 18.65 12.39 -8.18
N ALA B 261 18.08 12.76 -9.32
CA ALA B 261 18.39 12.10 -10.59
C ALA B 261 19.85 12.30 -11.01
N GLN B 262 20.37 13.50 -10.77
CA GLN B 262 21.75 13.82 -11.13
C GLN B 262 22.73 13.06 -10.25
N MET B 263 22.39 12.90 -8.98
CA MET B 263 23.20 12.06 -8.09
C MET B 263 23.13 10.60 -8.52
N MET B 264 21.98 10.14 -8.98
CA MET B 264 21.90 8.75 -9.46
C MET B 264 22.81 8.56 -10.68
N TYR B 265 22.71 9.50 -11.61
CA TYR B 265 23.58 9.57 -12.78
C TYR B 265 25.05 9.55 -12.35
N SER B 266 25.43 10.41 -11.39
CA SER B 266 26.79 10.40 -10.86
C SER B 266 27.21 9.03 -10.37
N MET B 267 26.33 8.41 -9.58
CA MET B 267 26.68 7.15 -8.97
C MET B 267 26.79 6.00 -9.98
N VAL B 268 25.99 6.06 -11.04
CA VAL B 268 26.14 5.09 -12.13
C VAL B 268 27.58 5.08 -12.66
N TRP B 269 28.14 6.26 -12.90
CA TRP B 269 29.53 6.40 -13.35
C TRP B 269 30.55 6.09 -12.25
N LEU B 270 30.38 6.68 -11.09
CA LEU B 270 31.31 6.44 -9.98
C LEU B 270 31.44 4.94 -9.63
N CYS B 271 30.32 4.24 -9.55
CA CYS B 271 30.31 2.86 -9.10
C CYS B 271 30.25 1.84 -10.24
N SER B 272 30.42 2.31 -11.48
CA SER B 272 30.37 1.46 -12.68
C SER B 272 29.15 0.55 -12.67
N LEU B 273 28.01 1.15 -12.36
CA LEU B 273 26.79 0.38 -12.15
C LEU B 273 26.33 -0.37 -13.40
N GLN B 274 26.77 0.06 -14.58
CA GLN B 274 26.44 -0.66 -15.82
C GLN B 274 27.15 -2.02 -15.96
N GLU B 275 28.19 -2.25 -15.15
CA GLU B 275 28.80 -3.58 -15.06
C GLU B 275 27.95 -4.54 -14.24
N LYS B 276 27.25 -4.03 -13.23
CA LYS B 276 26.51 -4.85 -12.28
C LYS B 276 25.02 -4.96 -12.60
N PHE B 277 24.45 -3.91 -13.19
CA PHE B 277 23.01 -3.83 -13.39
C PHE B 277 22.65 -3.93 -14.87
N SER B 278 21.52 -4.55 -15.14
CA SER B 278 20.98 -4.60 -16.50
C SER B 278 20.50 -3.20 -16.88
N GLN B 279 20.23 -3.00 -18.16
CA GLN B 279 19.75 -1.72 -18.63
C GLN B 279 18.34 -1.41 -18.12
N THR B 280 17.56 -2.46 -17.90
CA THR B 280 16.25 -2.33 -17.29
C THR B 280 16.38 -1.80 -15.85
N ASP B 281 17.37 -2.29 -15.12
CA ASP B 281 17.60 -1.80 -13.76
C ASP B 281 18.05 -0.35 -13.70
N ILE B 282 18.93 0.04 -14.62
CA ILE B 282 19.38 1.43 -14.73
C ILE B 282 18.19 2.35 -15.05
N LEU B 283 17.32 1.88 -15.94
CA LEU B 283 16.09 2.60 -16.29
C LEU B 283 15.20 2.79 -15.06
N ILE B 284 15.04 1.74 -14.27
CA ILE B 284 14.21 1.76 -13.06
C ILE B 284 14.76 2.80 -12.09
N LEU B 285 16.05 2.70 -11.80
CA LEU B 285 16.73 3.65 -10.91
C LEU B 285 16.53 5.11 -11.35
N MET B 286 16.86 5.39 -12.61
CA MET B 286 16.80 6.74 -13.13
C MET B 286 15.37 7.30 -13.16
N THR B 287 14.44 6.49 -13.65
CA THR B 287 13.06 6.96 -13.77
C THR B 287 12.41 7.12 -12.38
N ALA B 288 12.67 6.18 -11.48
CA ALA B 288 12.19 6.29 -10.10
C ALA B 288 12.73 7.56 -9.43
N ALA B 289 14.00 7.86 -9.66
CA ALA B 289 14.62 9.05 -9.09
C ALA B 289 13.92 10.34 -9.56
N ILE B 290 13.64 10.41 -10.85
CA ILE B 290 12.94 11.58 -11.40
C ILE B 290 11.54 11.72 -10.82
N CYS B 291 10.84 10.58 -10.68
CA CYS B 291 9.42 10.57 -10.31
C CYS B 291 9.08 10.57 -8.81
N HIS B 292 10.10 10.43 -7.96
CA HIS B 292 9.85 9.97 -6.59
C HIS B 292 9.16 10.94 -5.63
N ASP B 293 9.12 12.23 -5.95
CA ASP B 293 8.39 13.20 -5.12
C ASP B 293 7.33 13.98 -5.92
N LEU B 294 6.81 13.35 -6.98
CA LEU B 294 5.79 14.00 -7.82
C LEU B 294 4.60 14.52 -7.01
N ASP B 295 4.23 15.77 -7.23
CA ASP B 295 3.09 16.40 -6.60
C ASP B 295 3.12 16.37 -5.08
N HIS B 296 4.32 16.46 -4.52
CA HIS B 296 4.48 16.60 -3.07
C HIS B 296 3.81 17.91 -2.64
N PRO B 297 2.99 17.89 -1.57
CA PRO B 297 2.27 19.11 -1.12
C PRO B 297 3.00 19.98 -0.08
N GLY B 298 4.17 19.55 0.36
CA GLY B 298 4.99 20.32 1.27
C GLY B 298 4.69 20.06 2.74
N TYR B 299 3.94 18.97 2.99
CA TYR B 299 3.59 18.55 4.34
C TYR B 299 3.75 17.03 4.36
N ASN B 300 4.51 16.51 5.33
CA ASN B 300 4.92 15.12 5.29
C ASN B 300 3.84 14.15 5.77
N ASN B 301 4.14 12.85 5.76
CA ASN B 301 3.17 11.82 6.06
C ASN B 301 2.52 12.01 7.43
N THR B 302 3.29 12.45 8.41
CA THR B 302 2.78 12.65 9.74
C THR B 302 1.70 13.74 9.76
N TYR B 303 1.88 14.80 8.98
CA TYR B 303 0.82 15.76 8.83
C TYR B 303 -0.40 15.12 8.17
N GLN B 304 -0.17 14.36 7.10
CA GLN B 304 -1.28 13.75 6.36
C GLN B 304 -2.13 12.92 7.30
N ILE B 305 -1.47 12.08 8.08
CA ILE B 305 -2.13 11.11 8.93
C ILE B 305 -2.81 11.80 10.11
N ASN B 306 -2.10 12.69 10.81
CA ASN B 306 -2.67 13.37 11.97
C ASN B 306 -3.81 14.29 11.58
N ALA B 307 -3.70 14.96 10.43
CA ALA B 307 -4.78 15.83 9.94
C ALA B 307 -5.86 15.06 9.19
N ARG B 308 -5.69 13.75 9.03
CA ARG B 308 -6.67 12.92 8.36
C ARG B 308 -7.06 13.51 7.01
N THR B 309 -6.04 13.78 6.20
CA THR B 309 -6.23 14.36 4.88
C THR B 309 -6.80 13.36 3.88
N GLU B 310 -7.31 13.89 2.78
CA GLU B 310 -7.80 13.07 1.68
C GLU B 310 -6.79 11.99 1.28
N LEU B 311 -5.50 12.34 1.23
CA LEU B 311 -4.43 11.39 0.93
C LEU B 311 -4.26 10.29 1.97
N ALA B 312 -4.30 10.66 3.24
CA ALA B 312 -4.19 9.66 4.33
C ALA B 312 -5.37 8.68 4.30
N VAL B 313 -6.56 9.22 4.03
CA VAL B 313 -7.78 8.40 3.92
C VAL B 313 -7.69 7.54 2.67
N ARG B 314 -7.22 8.10 1.56
CA ARG B 314 -7.12 7.32 0.31
C ARG B 314 -6.20 6.13 0.48
N TYR B 315 -5.06 6.35 1.16
CA TYR B 315 -4.04 5.29 1.28
C TYR B 315 -3.99 4.58 2.62
N ASN B 316 -5.02 4.79 3.45
CA ASN B 316 -5.17 4.07 4.69
C ASN B 316 -3.96 4.20 5.61
N ASP B 317 -3.42 5.41 5.70
CA ASP B 317 -2.23 5.71 6.51
C ASP B 317 -0.93 4.98 6.11
N ILE B 318 -0.94 4.25 4.99
CA ILE B 318 0.24 3.55 4.55
C ILE B 318 1.01 4.40 3.52
N SER B 319 2.18 4.91 3.93
CA SER B 319 3.02 5.80 3.11
C SER B 319 2.22 6.62 2.10
N PRO B 320 1.36 7.52 2.59
CA PRO B 320 0.43 8.21 1.68
C PRO B 320 1.12 9.00 0.56
N LEU B 321 2.17 9.74 0.90
CA LEU B 321 2.87 10.55 -0.10
C LEU B 321 3.55 9.69 -1.14
N GLU B 322 4.27 8.67 -0.71
CA GLU B 322 5.07 7.88 -1.62
C GLU B 322 4.14 7.10 -2.54
N ASN B 323 3.03 6.59 -1.99
CA ASN B 323 1.98 6.01 -2.81
C ASN B 323 1.45 6.98 -3.86
N HIS B 324 1.23 8.23 -3.45
CA HIS B 324 0.73 9.26 -4.35
C HIS B 324 1.78 9.64 -5.41
N HIS B 325 3.04 9.78 -5.02
CA HIS B 325 4.09 10.10 -6.00
C HIS B 325 4.09 9.05 -7.11
N CYS B 326 4.03 7.79 -6.70
CA CYS B 326 4.11 6.68 -7.63
C CYS B 326 2.86 6.64 -8.53
N ALA B 327 1.70 6.93 -7.94
CA ALA B 327 0.44 6.97 -8.69
C ALA B 327 0.45 8.03 -9.78
N VAL B 328 0.89 9.23 -9.43
CA VAL B 328 1.02 10.33 -10.38
C VAL B 328 2.02 10.00 -11.50
N ALA B 329 3.12 9.34 -11.14
CA ALA B 329 4.12 8.92 -12.12
C ALA B 329 3.49 8.08 -13.23
N PHE B 330 2.62 7.15 -12.85
CA PHE B 330 2.03 6.24 -13.83
C PHE B 330 0.77 6.80 -14.47
N GLN B 331 0.14 7.80 -13.85
CA GLN B 331 -0.89 8.56 -14.53
C GLN B 331 -0.26 9.28 -15.72
N ILE B 332 0.88 9.92 -15.48
CA ILE B 332 1.61 10.61 -16.54
C ILE B 332 2.01 9.63 -17.64
N LEU B 333 2.66 8.53 -17.26
CA LEU B 333 3.09 7.54 -18.24
C LEU B 333 1.96 6.84 -18.99
N ALA B 334 0.72 6.98 -18.54
CA ALA B 334 -0.45 6.40 -19.20
C ALA B 334 -0.98 7.33 -20.30
N GLU B 335 -0.67 8.62 -20.21
CA GLU B 335 -0.93 9.54 -21.31
C GLU B 335 -0.02 9.18 -22.49
N PRO B 336 -0.61 8.83 -23.65
CA PRO B 336 0.21 8.31 -24.76
C PRO B 336 1.33 9.26 -25.21
N GLU B 337 1.11 10.57 -25.12
CA GLU B 337 2.14 11.52 -25.52
C GLU B 337 3.26 11.70 -24.50
N CYS B 338 3.13 11.10 -23.31
CA CYS B 338 4.23 11.11 -22.33
C CYS B 338 4.77 9.70 -22.10
N ASN B 339 4.26 8.70 -22.81
CA ASN B 339 4.64 7.33 -22.49
C ASN B 339 5.97 6.91 -23.10
N ILE B 340 7.04 7.28 -22.39
CA ILE B 340 8.39 6.88 -22.78
C ILE B 340 8.58 5.37 -22.85
N PHE B 341 7.66 4.59 -22.28
CA PHE B 341 7.76 3.14 -22.38
C PHE B 341 6.88 2.55 -23.49
N SER B 342 6.38 3.37 -24.40
CA SER B 342 5.41 2.86 -25.40
C SER B 342 5.94 1.75 -26.31
N ASN B 343 7.26 1.67 -26.50
CA ASN B 343 7.85 0.59 -27.32
C ASN B 343 8.49 -0.54 -26.52
N ILE B 344 8.09 -0.68 -25.27
CA ILE B 344 8.58 -1.75 -24.44
C ILE B 344 7.49 -2.84 -24.40
N PRO B 345 7.87 -4.11 -24.58
CA PRO B 345 6.84 -5.16 -24.49
C PRO B 345 6.15 -5.15 -23.12
N PRO B 346 4.89 -5.64 -23.05
CA PRO B 346 4.15 -5.69 -21.78
C PRO B 346 4.91 -6.33 -20.60
N ASP B 347 5.68 -7.39 -20.87
CA ASP B 347 6.45 -8.04 -19.80
C ASP B 347 7.54 -7.12 -19.27
N GLY B 348 8.15 -6.33 -20.14
CA GLY B 348 9.16 -5.37 -19.74
C GLY B 348 8.55 -4.27 -18.89
N PHE B 349 7.40 -3.77 -19.34
CA PHE B 349 6.66 -2.75 -18.60
C PHE B 349 6.31 -3.21 -17.18
N LYS B 350 5.78 -4.43 -17.06
CA LYS B 350 5.42 -4.94 -15.75
C LYS B 350 6.62 -4.96 -14.83
N GLN B 351 7.76 -5.48 -15.33
CA GLN B 351 9.01 -5.51 -14.56
C GLN B 351 9.49 -4.10 -14.15
N ILE B 352 9.40 -3.15 -15.08
CA ILE B 352 9.81 -1.78 -14.81
C ILE B 352 8.87 -1.12 -13.81
N ARG B 353 7.57 -1.32 -14.00
CA ARG B 353 6.58 -0.74 -13.10
C ARG B 353 6.79 -1.21 -11.67
N GLN B 354 6.92 -2.51 -11.50
CA GLN B 354 7.04 -3.08 -10.18
C GLN B 354 8.28 -2.57 -9.49
N GLY B 355 9.39 -2.54 -10.23
CA GLY B 355 10.65 -2.02 -9.72
C GLY B 355 10.54 -0.56 -9.32
N MET B 356 9.89 0.27 -10.13
CA MET B 356 9.77 1.69 -9.79
C MET B 356 8.96 1.88 -8.52
N ILE B 357 7.86 1.13 -8.40
CA ILE B 357 7.01 1.16 -7.21
C ILE B 357 7.81 0.82 -5.97
N THR B 358 8.53 -0.28 -6.02
CA THR B 358 9.37 -0.68 -4.89
C THR B 358 10.30 0.48 -4.51
N LEU B 359 10.93 1.12 -5.50
CA LEU B 359 11.95 2.12 -5.22
C LEU B 359 11.36 3.39 -4.65
N ILE B 360 10.27 3.86 -5.25
CA ILE B 360 9.62 5.07 -4.76
C ILE B 360 9.02 4.86 -3.36
N LEU B 361 8.39 3.71 -3.14
CA LEU B 361 7.89 3.42 -1.79
C LEU B 361 9.03 3.34 -0.75
N ALA B 362 10.21 2.90 -1.18
CA ALA B 362 11.38 2.82 -0.31
C ALA B 362 11.88 4.16 0.22
N THR B 363 11.50 5.27 -0.41
CA THR B 363 11.96 6.59 0.02
C THR B 363 11.23 7.17 1.23
N ASP B 364 10.22 6.46 1.75
CA ASP B 364 9.55 6.88 2.99
C ASP B 364 10.52 6.72 4.15
N MET B 365 10.92 7.83 4.76
CA MET B 365 11.92 7.78 5.84
C MET B 365 11.44 7.03 7.09
N ALA B 366 10.14 6.81 7.20
CA ALA B 366 9.63 5.96 8.26
C ALA B 366 10.22 4.55 8.19
N ARG B 367 10.60 4.12 6.99
CA ARG B 367 11.08 2.76 6.77
C ARG B 367 12.59 2.68 6.76
N HIS B 368 13.27 3.76 7.10
CA HIS B 368 14.73 3.80 6.94
C HIS B 368 15.46 2.68 7.65
N ALA B 369 15.19 2.53 8.95
CA ALA B 369 15.88 1.50 9.77
C ALA B 369 15.54 0.08 9.30
N GLU B 370 14.28 -0.16 8.98
CA GLU B 370 13.82 -1.44 8.40
C GLU B 370 14.69 -1.81 7.19
N ILE B 371 14.80 -0.87 6.25
CA ILE B 371 15.46 -1.14 4.97
C ILE B 371 16.96 -1.33 5.14
N MET B 372 17.58 -0.48 5.96
CA MET B 372 18.98 -0.62 6.28
C MET B 372 19.28 -1.98 6.92
N ASP B 373 18.42 -2.39 7.86
CA ASP B 373 18.59 -3.69 8.50
C ASP B 373 18.54 -4.82 7.49
N SER B 374 17.56 -4.81 6.59
CA SER B 374 17.47 -5.84 5.56
C SER B 374 18.70 -5.85 4.69
N PHE B 375 19.17 -4.66 4.33
CA PHE B 375 20.35 -4.54 3.46
C PHE B 375 21.60 -5.04 4.16
N LYS B 376 21.80 -4.65 5.42
CA LYS B 376 22.95 -5.13 6.19
C LYS B 376 22.95 -6.66 6.36
N GLU B 377 21.77 -7.23 6.55
CA GLU B 377 21.60 -8.67 6.61
C GLU B 377 22.13 -9.37 5.35
N LYS B 378 21.81 -8.84 4.16
CA LYS B 378 22.29 -9.43 2.92
C LYS B 378 23.79 -9.21 2.71
N MET B 379 24.29 -8.10 3.24
CA MET B 379 25.71 -7.74 3.11
C MET B 379 26.66 -8.72 3.78
N GLU B 380 26.17 -9.45 4.77
CA GLU B 380 26.97 -10.52 5.38
C GLU B 380 27.58 -11.40 4.31
N ASN B 381 26.83 -11.66 3.25
CA ASN B 381 27.34 -12.37 2.09
C ASN B 381 26.60 -11.95 0.82
N PHE B 382 26.98 -10.80 0.27
CA PHE B 382 26.24 -10.20 -0.84
C PHE B 382 26.43 -10.96 -2.14
N ASP B 383 25.35 -11.03 -2.92
CA ASP B 383 25.29 -11.85 -4.12
C ASP B 383 24.58 -11.05 -5.23
N TYR B 384 25.37 -10.55 -6.19
CA TYR B 384 24.82 -9.82 -7.34
C TYR B 384 23.91 -10.67 -8.25
N SER B 385 23.98 -12.00 -8.11
CA SER B 385 23.06 -12.90 -8.83
C SER B 385 21.68 -12.91 -8.20
N ASN B 386 21.65 -12.69 -6.89
CA ASN B 386 20.42 -12.83 -6.11
C ASN B 386 19.52 -11.60 -6.27
N GLU B 387 18.35 -11.81 -6.84
CA GLU B 387 17.42 -10.73 -7.18
C GLU B 387 16.94 -9.94 -5.97
N GLU B 388 16.80 -10.62 -4.83
CA GLU B 388 16.41 -9.96 -3.59
C GLU B 388 17.53 -9.09 -3.04
N HIS B 389 18.76 -9.54 -3.23
CA HIS B 389 19.91 -8.75 -2.83
C HIS B 389 19.96 -7.46 -3.65
N MET B 390 19.66 -7.59 -4.94
CA MET B 390 19.79 -6.46 -5.87
C MET B 390 18.66 -5.45 -5.70
N THR B 391 17.48 -5.95 -5.37
CA THR B 391 16.32 -5.10 -5.07
C THR B 391 16.65 -4.20 -3.90
N LEU B 392 17.22 -4.77 -2.84
CA LEU B 392 17.62 -4.00 -1.67
C LEU B 392 18.73 -2.99 -1.96
N LEU B 393 19.72 -3.40 -2.75
CA LEU B 393 20.77 -2.46 -3.18
C LEU B 393 20.18 -1.26 -3.92
N LYS B 394 19.23 -1.51 -4.82
CA LYS B 394 18.59 -0.45 -5.56
C LYS B 394 17.76 0.47 -4.66
N MET B 395 17.12 -0.10 -3.64
CA MET B 395 16.40 0.68 -2.65
C MET B 395 17.38 1.57 -1.88
N ILE B 396 18.52 0.99 -1.51
CA ILE B 396 19.54 1.76 -0.82
C ILE B 396 20.12 2.85 -1.73
N LEU B 397 20.31 2.54 -3.00
CA LEU B 397 20.85 3.53 -3.93
C LEU B 397 19.93 4.75 -4.07
N ILE B 398 18.62 4.52 -4.17
CA ILE B 398 17.72 5.66 -4.37
C ILE B 398 17.57 6.44 -3.07
N LYS B 399 17.58 5.74 -1.95
CA LYS B 399 17.58 6.38 -0.64
C LYS B 399 18.82 7.28 -0.47
N CYS B 400 19.98 6.76 -0.87
CA CYS B 400 21.21 7.56 -0.89
C CYS B 400 21.04 8.85 -1.68
N CYS B 401 20.61 8.73 -2.94
CA CYS B 401 20.48 9.91 -3.80
C CYS B 401 19.43 10.88 -3.26
N ASP B 402 18.36 10.35 -2.66
CA ASP B 402 17.26 11.19 -2.16
C ASP B 402 17.73 12.16 -1.10
N ILE B 403 18.54 11.69 -0.18
CA ILE B 403 18.99 12.51 0.93
C ILE B 403 20.46 12.97 0.80
N SER B 404 20.97 12.97 -0.43
CA SER B 404 22.39 13.16 -0.71
C SER B 404 22.91 14.61 -0.68
N ASN B 405 22.08 15.60 -0.41
CA ASN B 405 22.52 17.00 -0.48
C ASN B 405 23.87 17.28 0.20
N GLU B 406 24.07 16.69 1.37
CA GLU B 406 25.31 16.93 2.12
C GLU B 406 26.56 16.26 1.54
N VAL B 407 26.38 15.37 0.57
CA VAL B 407 27.51 14.82 -0.18
C VAL B 407 28.12 15.87 -1.12
N ARG B 408 27.32 16.83 -1.55
CA ARG B 408 27.75 17.85 -2.48
C ARG B 408 28.70 18.87 -1.81
N PRO B 409 29.46 19.61 -2.62
CA PRO B 409 30.34 20.65 -2.06
C PRO B 409 29.54 21.65 -1.23
N MET B 410 30.17 22.12 -0.16
CA MET B 410 29.52 22.96 0.84
C MET B 410 28.65 24.06 0.27
N GLU B 411 29.12 24.74 -0.77
CA GLU B 411 28.40 25.90 -1.30
C GLU B 411 27.13 25.46 -2.02
N VAL B 412 27.15 24.25 -2.58
CA VAL B 412 25.98 23.68 -3.22
C VAL B 412 24.98 23.13 -2.19
N ALA B 413 25.49 22.54 -1.10
CA ALA B 413 24.65 21.92 -0.07
C ALA B 413 23.96 22.91 0.87
N GLU B 414 24.69 23.93 1.33
CA GLU B 414 24.18 24.88 2.34
C GLU B 414 22.80 25.44 2.08
N PRO B 415 22.57 25.97 0.87
CA PRO B 415 21.24 26.56 0.60
C PRO B 415 20.08 25.58 0.81
N TRP B 416 20.29 24.30 0.52
CA TRP B 416 19.24 23.27 0.67
C TRP B 416 18.73 23.17 2.09
N VAL B 417 19.62 23.41 3.06
CA VAL B 417 19.22 23.36 4.46
C VAL B 417 18.19 24.44 4.76
N ASP B 418 18.37 25.62 4.18
CA ASP B 418 17.41 26.72 4.36
C ASP B 418 16.07 26.39 3.72
N CYS B 419 16.13 25.79 2.53
CA CYS B 419 14.92 25.32 1.86
C CYS B 419 14.18 24.29 2.71
N LEU B 420 14.93 23.34 3.26
CA LEU B 420 14.33 22.29 4.09
C LEU B 420 13.59 22.89 5.27
N LEU B 421 14.28 23.72 6.03
CA LEU B 421 13.71 24.32 7.22
C LEU B 421 12.55 25.24 6.91
N GLU B 422 12.60 25.92 5.78
CA GLU B 422 11.47 26.75 5.39
C GLU B 422 10.21 25.88 5.22
N GLU B 423 10.36 24.73 4.57
CA GLU B 423 9.25 23.80 4.35
C GLU B 423 8.77 23.19 5.68
N TYR B 424 9.73 22.68 6.45
CA TYR B 424 9.44 22.05 7.75
C TYR B 424 8.77 23.02 8.73
N PHE B 425 9.24 24.26 8.78
CA PHE B 425 8.66 25.26 9.69
C PHE B 425 7.26 25.65 9.26
N MET B 426 7.03 25.63 7.94
CA MET B 426 5.69 25.87 7.41
C MET B 426 4.72 24.82 7.96
N GLN B 427 5.17 23.57 8.04
CA GLN B 427 4.31 22.49 8.54
C GLN B 427 4.08 22.59 10.05
N SER B 428 5.14 22.84 10.82
CA SER B 428 5.00 22.93 12.28
C SER B 428 4.14 24.13 12.72
N ASP B 429 4.31 25.26 12.05
CA ASP B 429 3.42 26.41 12.25
C ASP B 429 1.96 26.03 12.08
N ARG B 430 1.68 25.39 10.94
CA ARG B 430 0.33 24.92 10.64
C ARG B 430 -0.20 23.93 11.66
N GLU B 431 0.65 23.01 12.11
CA GLU B 431 0.23 22.05 13.13
C GLU B 431 -0.10 22.74 14.46
N LYS B 432 0.70 23.75 14.81
CA LYS B 432 0.40 24.57 16.00
C LYS B 432 -0.92 25.26 15.81
N SER B 433 -1.11 25.87 14.65
CA SER B 433 -2.33 26.60 14.36
C SER B 433 -3.59 25.71 14.41
N GLU B 434 -3.46 24.44 14.06
CA GLU B 434 -4.60 23.52 14.00
C GLU B 434 -4.67 22.58 15.21
N GLY B 435 -3.81 22.80 16.21
CA GLY B 435 -3.84 21.95 17.41
C GLY B 435 -3.33 20.54 17.19
N LEU B 436 -2.48 20.35 16.18
CA LEU B 436 -1.94 19.02 15.88
C LEU B 436 -0.56 18.88 16.52
N PRO B 437 -0.12 17.64 16.75
CA PRO B 437 1.22 17.40 17.31
C PRO B 437 2.34 18.05 16.50
N VAL B 438 3.38 18.48 17.20
CA VAL B 438 4.51 19.14 16.58
C VAL B 438 5.76 18.35 16.94
N ALA B 439 6.54 17.98 15.93
CA ALA B 439 7.76 17.23 16.15
C ALA B 439 8.88 18.21 16.50
N PRO B 440 9.61 17.96 17.59
CA PRO B 440 10.69 18.85 18.02
C PRO B 440 11.71 19.15 16.92
N PHE B 441 12.07 18.14 16.14
CA PHE B 441 13.06 18.33 15.07
C PHE B 441 12.54 19.21 13.92
N MET B 442 11.27 19.58 13.97
CA MET B 442 10.67 20.46 12.96
C MET B 442 10.21 21.79 13.55
N ASP B 443 10.46 22.00 14.84
CA ASP B 443 9.89 23.14 15.55
C ASP B 443 10.73 24.39 15.32
N ARG B 444 10.09 25.43 14.81
CA ARG B 444 10.75 26.71 14.52
C ARG B 444 11.46 27.33 15.74
N ASP B 445 10.94 27.07 16.94
CA ASP B 445 11.53 27.61 18.16
C ASP B 445 12.71 26.81 18.67
N LYS B 446 12.90 25.58 18.21
CA LYS B 446 13.95 24.70 18.73
C LYS B 446 15.07 24.36 17.77
N VAL B 447 14.83 24.53 16.47
CA VAL B 447 15.77 24.03 15.47
C VAL B 447 16.73 25.12 14.99
N THR B 448 18.00 24.73 14.85
CA THR B 448 18.97 25.55 14.14
C THR B 448 19.50 24.77 12.96
N LYS B 449 20.11 25.47 12.01
CA LYS B 449 20.71 24.82 10.83
C LYS B 449 21.65 23.70 11.24
N ALA B 450 22.42 23.92 12.30
CA ALA B 450 23.37 22.93 12.80
C ALA B 450 22.72 21.71 13.45
N THR B 451 21.70 21.92 14.27
CA THR B 451 21.03 20.79 14.94
C THR B 451 20.18 19.99 13.94
N ALA B 452 19.64 20.67 12.95
CA ALA B 452 18.97 20.01 11.83
C ALA B 452 19.87 18.96 11.15
N GLN B 453 21.17 19.26 11.03
CA GLN B 453 22.07 18.46 10.20
C GLN B 453 22.99 17.46 10.91
N ILE B 454 23.41 17.75 12.13
CA ILE B 454 24.47 16.96 12.76
C ILE B 454 24.09 15.48 12.90
N GLY B 455 23.02 15.21 13.63
CA GLY B 455 22.58 13.82 13.88
C GLY B 455 22.21 13.10 12.60
N PHE B 456 21.55 13.83 11.71
CA PHE B 456 21.19 13.31 10.40
C PHE B 456 22.41 12.83 9.63
N ILE B 457 23.49 13.62 9.65
CA ILE B 457 24.72 13.25 8.97
C ILE B 457 25.37 12.04 9.64
N LYS B 458 25.47 12.10 10.96
CA LYS B 458 26.21 11.09 11.72
C LYS B 458 25.52 9.75 11.82
N PHE B 459 24.21 9.76 11.96
CA PHE B 459 23.46 8.55 12.23
C PHE B 459 22.58 8.06 11.09
N VAL B 460 22.28 8.91 10.13
CA VAL B 460 21.53 8.46 8.95
C VAL B 460 22.48 8.38 7.75
N LEU B 461 23.02 9.53 7.33
CA LEU B 461 23.83 9.57 6.12
C LEU B 461 25.09 8.71 6.17
N ILE B 462 25.93 8.94 7.19
CA ILE B 462 27.25 8.31 7.21
C ILE B 462 27.14 6.78 7.22
N PRO B 463 26.33 6.20 8.12
CA PRO B 463 26.26 4.73 8.19
C PRO B 463 25.74 4.09 6.91
N MET B 464 24.76 4.74 6.30
CA MET B 464 24.22 4.29 5.03
C MET B 464 25.31 4.25 3.97
N PHE B 465 26.03 5.35 3.83
CA PHE B 465 27.11 5.42 2.84
C PHE B 465 28.29 4.51 3.18
N GLU B 466 28.52 4.28 4.47
CA GLU B 466 29.52 3.31 4.90
C GLU B 466 29.23 1.90 4.38
N THR B 467 27.97 1.47 4.47
CA THR B 467 27.60 0.14 3.97
C THR B 467 27.77 0.03 2.46
N VAL B 468 27.39 1.08 1.74
CA VAL B 468 27.51 1.08 0.28
C VAL B 468 29.00 1.01 -0.12
N THR B 469 29.84 1.71 0.63
CA THR B 469 31.29 1.71 0.42
C THR B 469 31.89 0.30 0.41
N LYS B 470 31.31 -0.62 1.19
CA LYS B 470 31.76 -2.00 1.21
C LYS B 470 31.65 -2.71 -0.14
N LEU B 471 30.65 -2.35 -0.95
CA LEU B 471 30.55 -2.85 -2.32
C LEU B 471 31.27 -1.94 -3.30
N PHE B 472 31.32 -0.64 -3.00
CA PHE B 472 31.86 0.35 -3.91
C PHE B 472 32.85 1.22 -3.17
N PRO B 473 34.08 0.70 -2.93
CA PRO B 473 35.08 1.40 -2.11
C PRO B 473 35.41 2.81 -2.59
N MET B 474 35.26 3.06 -3.90
CA MET B 474 35.47 4.40 -4.46
C MET B 474 34.54 5.47 -3.88
N VAL B 475 33.43 5.04 -3.27
CA VAL B 475 32.47 5.93 -2.66
C VAL B 475 33.04 6.64 -1.43
N GLU B 476 34.01 6.02 -0.75
CA GLU B 476 34.58 6.60 0.47
C GLU B 476 35.18 7.97 0.22
N GLU B 477 36.01 8.05 -0.80
CA GLU B 477 36.75 9.27 -1.13
C GLU B 477 35.82 10.33 -1.71
N ILE B 478 34.88 9.91 -2.55
CA ILE B 478 34.04 10.86 -3.27
C ILE B 478 32.83 11.33 -2.45
N MET B 479 32.29 10.48 -1.58
CA MET B 479 31.04 10.83 -0.87
C MET B 479 31.14 10.81 0.65
N LEU B 480 31.80 9.81 1.23
CA LEU B 480 32.00 9.85 2.69
C LEU B 480 32.85 11.05 3.11
N GLN B 481 33.89 11.34 2.33
CA GLN B 481 34.79 12.45 2.65
C GLN B 481 34.05 13.78 2.86
N PRO B 482 33.24 14.22 1.87
CA PRO B 482 32.47 15.46 2.12
C PRO B 482 31.50 15.37 3.31
N LEU B 483 30.94 14.20 3.59
CA LEU B 483 30.07 14.05 4.75
C LEU B 483 30.83 14.26 6.05
N TRP B 484 32.05 13.72 6.13
CA TRP B 484 32.88 13.90 7.32
C TRP B 484 33.18 15.39 7.53
N GLU B 485 33.53 16.07 6.45
CA GLU B 485 33.84 17.49 6.51
C GLU B 485 32.61 18.30 6.92
N SER B 486 31.43 17.95 6.38
CA SER B 486 30.19 18.61 6.76
C SER B 486 29.80 18.34 8.19
N ARG B 487 29.98 17.11 8.66
CA ARG B 487 29.76 16.80 10.07
C ARG B 487 30.56 17.76 10.95
N ASP B 488 31.89 17.74 10.78
CA ASP B 488 32.82 18.57 11.58
C ASP B 488 32.43 20.04 11.51
N ARG B 489 32.11 20.50 10.31
CA ARG B 489 31.74 21.89 10.12
C ARG B 489 30.50 22.27 10.91
N TYR B 490 29.46 21.43 10.86
CA TYR B 490 28.23 21.73 11.60
C TYR B 490 28.39 21.53 13.10
N GLU B 491 29.22 20.58 13.50
CA GLU B 491 29.52 20.41 14.92
C GLU B 491 30.22 21.64 15.48
N GLU B 492 31.21 22.14 14.76
CA GLU B 492 31.87 23.39 15.13
C GLU B 492 30.88 24.55 15.17
N LEU B 493 30.03 24.63 14.17
CA LEU B 493 29.02 25.69 14.12
C LEU B 493 28.06 25.65 15.32
N LYS B 494 27.79 24.44 15.82
CA LYS B 494 26.95 24.28 17.00
C LYS B 494 27.66 24.75 18.27
N ARG B 495 28.95 24.43 18.41
CA ARG B 495 29.74 24.94 19.55
C ARG B 495 29.68 26.45 19.59
N ILE B 496 29.92 27.07 18.43
CA ILE B 496 29.88 28.51 18.29
C ILE B 496 28.49 29.02 18.69
N ASP B 497 27.44 28.41 18.15
CA ASP B 497 26.05 28.74 18.54
C ASP B 497 25.82 28.61 20.04
N ASP B 498 26.24 27.49 20.62
CA ASP B 498 26.07 27.25 22.06
C ASP B 498 26.81 28.27 22.93
N ALA B 499 28.05 28.57 22.55
CA ALA B 499 28.86 29.57 23.26
C ALA B 499 28.19 30.93 23.20
N MET B 500 27.70 31.29 22.02
CA MET B 500 26.95 32.54 21.83
C MET B 500 25.69 32.60 22.70
N LYS B 501 24.99 31.47 22.84
CA LYS B 501 23.83 31.40 23.72
C LYS B 501 24.25 31.57 25.17
N GLU B 502 25.23 30.78 25.58
CA GLU B 502 25.77 30.84 26.92
C GLU B 502 26.20 32.26 27.29
N LEU B 503 26.77 32.99 26.32
CA LEU B 503 27.24 34.35 26.55
C LEU B 503 26.10 35.31 26.89
N GLN B 504 24.96 35.16 26.23
CA GLN B 504 23.80 36.01 26.47
C GLN B 504 22.96 35.55 27.67
N LYS B 505 23.55 34.70 28.51
CA LYS B 505 22.90 34.25 29.73
C LYS B 505 23.99 33.78 30.72
N LYS B 506 24.94 34.67 31.01
CA LYS B 506 26.06 34.37 31.90
C LYS B 506 26.52 35.64 32.61
C2 49D C . -13.00 -14.15 -3.93
C3 49D C . -14.32 -14.83 -4.04
C4 49D C . -12.55 -16.11 -2.92
C5 49D C . -13.83 -16.25 -3.74
N8 49D C . -14.89 -17.05 -3.04
C11 49D C . -15.09 -18.28 -3.48
N13 49D C . -14.48 -18.95 -4.46
N9 49D C . -15.70 -16.81 -2.09
C10 49D C . -16.44 -17.89 -1.89
C12 49D C . -16.07 -18.83 -2.76
C16 49D C . -16.47 -20.08 -3.02
O17 49D C . -17.38 -20.64 -2.40
N15 49D C . -15.84 -20.79 -4.03
C14 49D C . -14.83 -20.20 -4.76
N18 49D C . -14.21 -20.89 -5.72
C19 49D C . -13.11 -20.30 -6.52
C20 49D C . -11.93 -21.30 -6.61
C24 49D C . -13.70 -20.00 -7.75
C29 49D C . -14.13 -18.69 -7.98
C28 49D C . -14.76 -18.34 -9.18
C27 49D C . -14.98 -19.30 -10.16
C26 49D C . -14.56 -20.62 -9.93
C25 49D C . -13.93 -20.96 -8.72
C1 49D C . -12.49 -14.66 -2.58
CL 49D C . -15.79 -18.84 -11.71
ZN ZN D . -15.94 -10.39 0.54
MG MG E . -13.04 -8.48 -1.16
C2 49E F . 12.54 14.39 3.98
C3 49E F . 13.62 15.44 3.84
C4 49E F . 14.52 13.35 4.52
C5 49E F . 14.69 14.86 4.73
N8 49E F . 16.02 15.32 4.37
C11 49E F . 16.80 15.95 5.24
N13 49E F . 16.57 16.27 6.53
N9 49E F . 16.61 15.22 3.28
C10 49E F . 17.83 15.78 3.38
C12 49E F . 17.94 16.25 4.61
C16 49E F . 18.93 16.88 5.26
O17 49E F . 19.99 17.18 4.71
N15 49E F . 18.72 17.23 6.60
C14 49E F . 17.52 16.92 7.23
N18 49E F . 17.34 17.27 8.50
C19 49E F . 16.04 17.16 9.16
C20 49E F . 15.90 18.25 10.23
C24 49E F . 15.89 15.86 9.69
C29 49E F . 16.60 15.44 10.80
C28 49E F . 16.42 14.16 11.31
C27 49E F . 15.55 13.26 10.68
C26 49E F . 14.84 13.68 9.56
C25 49E F . 15.02 14.96 9.07
C1 49E F . 13.14 13.30 4.93
CL 49E F . 15.32 11.60 11.30
ZN ZN G . 12.92 13.27 -2.16
MG MG H . 9.53 11.76 -0.64
#